data_7RE8
#
_entry.id   7RE8
#
_cell.length_a   63.207
_cell.length_b   87.310
_cell.length_c   78.724
_cell.angle_alpha   90.000
_cell.angle_beta   90.000
_cell.angle_gamma   90.000
#
_symmetry.space_group_name_H-M   'P 1 21 1'
#
loop_
_entity.id
_entity.type
_entity.pdbx_description
1 polymer 'MHC class I antigen, A-2 alpha chain'
2 polymer Beta-2-microglobulin
3 polymer PHE-MET-ASN-LYS-PHE-ILE-TYR-GLU-ILE
4 non-polymer 'TRIETHYLENE GLYCOL'
5 non-polymer DI(HYDROXYETHYL)ETHER
6 non-polymer 'PENTAETHYLENE GLYCOL'
7 water water
#
loop_
_entity_poly.entity_id
_entity_poly.type
_entity_poly.pdbx_seq_one_letter_code
_entity_poly.pdbx_strand_id
1 'polypeptide(L)'
;MGSHSMRYFFTSVSRPGRGEPRFIAVGYVDDTQFVRFDSDAASQRMEPRAPWIEQEGPEYWDGETRKVKAHSQTHRVDLG
TLRGYYNQSEAGSHTVQRMYGCDVGSDWRFLRGYHQYAYDGKDYIALKEDLRSWTAADMAAQTTKHKWEAAHVAEQLRAY
LEGTCVEWLRRYLENGKETLQRTDAPKTHMTHHAVSDHEATLRCWALSFYPAEITLTWQRDGEDQTQDTELVETRPAGDG
TFQKWAAVVVPSGQEQRYTCHVQHEGLPKPLTLRWE
;
A,D
2 'polypeptide(L)'
;MIQRTPKIQVYSRHPAENGKSNFLNCYVSGFHPSDIEVDLLKNGERIEKVEHSDLSFSKDWSFYLLYYTEFTPTEKDEYA
CRVNHVTLSQPKIVKWDRDM
;
B,E
3 'polypeptide(L)' FMNKFIYEI C,F
#
loop_
_chem_comp.id
_chem_comp.type
_chem_comp.name
_chem_comp.formula
1PE non-polymer 'PENTAETHYLENE GLYCOL' 'C10 H22 O6'
PEG non-polymer DI(HYDROXYETHYL)ETHER 'C4 H10 O3'
PGE non-polymer 'TRIETHYLENE GLYCOL' 'C6 H14 O4'
#
# COMPACT_ATOMS: atom_id res chain seq x y z
N GLY A 2 11.67 9.93 3.52
CA GLY A 2 10.36 9.38 3.15
C GLY A 2 10.59 8.45 2.02
N SER A 3 9.56 8.09 1.29
CA SER A 3 9.88 7.23 0.14
C SER A 3 10.55 8.07 -0.92
N HIS A 4 11.77 7.72 -1.25
CA HIS A 4 12.44 8.37 -2.38
C HIS A 4 12.75 7.35 -3.46
N SER A 5 13.06 7.84 -4.66
CA SER A 5 13.22 6.93 -5.80
C SER A 5 14.18 7.54 -6.83
N MET A 6 14.96 6.67 -7.44
CA MET A 6 15.80 7.02 -8.59
C MET A 6 15.37 6.18 -9.77
N ARG A 7 15.11 6.83 -10.91
CA ARG A 7 14.60 6.16 -12.10
C ARG A 7 15.34 6.66 -13.33
N TYR A 8 15.56 5.76 -14.28
CA TYR A 8 16.17 6.10 -15.56
C TYR A 8 15.25 5.61 -16.67
N PHE A 9 14.97 6.51 -17.61
CA PHE A 9 14.11 6.26 -18.76
C PHE A 9 14.93 6.32 -20.03
N PHE A 10 14.71 5.36 -20.93
CA PHE A 10 15.45 5.27 -22.19
C PHE A 10 14.46 5.01 -23.31
N THR A 11 14.58 5.79 -24.39
CA THR A 11 13.73 5.64 -25.55
C THR A 11 14.60 5.60 -26.79
N SER A 12 14.44 4.55 -27.59
CA SER A 12 15.16 4.40 -28.84
C SER A 12 14.14 4.24 -29.96
N VAL A 13 14.17 5.17 -30.91
CA VAL A 13 13.21 5.21 -32.01
C VAL A 13 13.98 5.05 -33.31
N SER A 14 13.74 3.95 -34.02
CA SER A 14 14.41 3.76 -35.30
C SER A 14 13.89 4.77 -36.33
N ARG A 15 14.80 5.27 -37.17
CA ARG A 15 14.46 6.17 -38.27
C ARG A 15 14.93 5.52 -39.56
N PRO A 16 14.15 4.58 -40.10
CA PRO A 16 14.59 3.85 -41.30
C PRO A 16 14.78 4.78 -42.49
N GLY A 17 15.94 4.66 -43.12
CA GLY A 17 16.26 5.50 -44.28
C GLY A 17 16.37 6.96 -43.96
N ARG A 18 16.51 7.28 -42.65
CA ARG A 18 16.54 8.71 -42.18
C ARG A 18 17.75 8.96 -41.26
N GLY A 19 18.53 7.95 -40.93
CA GLY A 19 19.73 8.12 -40.14
C GLY A 19 19.76 7.17 -38.96
N GLU A 20 20.60 7.54 -38.03
CA GLU A 20 20.80 6.70 -36.85
C GLU A 20 19.53 6.72 -36.01
N PRO A 21 19.23 5.72 -35.16
CA PRO A 21 18.06 5.79 -34.29
C PRO A 21 18.19 6.92 -33.28
N ARG A 22 17.05 7.53 -32.96
CA ARG A 22 16.98 8.57 -31.94
C ARG A 22 17.02 7.92 -30.56
N PHE A 23 18.06 8.21 -29.78
CA PHE A 23 18.19 7.68 -28.43
C PHE A 23 18.12 8.83 -27.44
N ILE A 24 17.19 8.72 -26.49
CA ILE A 24 16.99 9.73 -25.45
C ILE A 24 17.01 9.02 -24.10
N ALA A 25 17.81 9.54 -23.17
CA ALA A 25 17.89 9.01 -21.82
C ALA A 25 17.68 10.15 -20.84
N VAL A 26 16.82 9.93 -19.85
CA VAL A 26 16.58 10.90 -18.80
C VAL A 26 16.66 10.23 -17.45
N GLY A 27 17.07 10.99 -16.45
CA GLY A 27 17.16 10.49 -15.09
C GLY A 27 16.41 11.35 -14.11
N TYR A 28 15.62 10.70 -13.25
CA TYR A 28 14.80 11.37 -12.26
C TYR A 28 15.16 10.90 -10.86
N VAL A 29 15.26 11.84 -9.94
CA VAL A 29 15.15 11.58 -8.51
C VAL A 29 13.81 12.14 -8.07
N ASP A 30 12.91 11.27 -7.65
CA ASP A 30 11.51 11.61 -7.35
C ASP A 30 10.92 12.25 -8.59
N ASP A 31 10.40 13.48 -8.51
CA ASP A 31 9.84 14.16 -9.67
C ASP A 31 10.78 15.24 -10.21
N THR A 32 12.09 15.04 -10.04
CA THR A 32 13.08 16.02 -10.45
C THR A 32 14.05 15.39 -11.43
N GLN A 33 14.08 15.91 -12.65
CA GLN A 33 15.04 15.46 -13.66
C GLN A 33 16.41 16.07 -13.36
N PHE A 34 17.46 15.25 -13.49
CA PHE A 34 18.79 15.71 -13.16
C PHE A 34 19.85 15.40 -14.23
N VAL A 35 19.64 14.34 -15.01
CA VAL A 35 20.56 13.99 -16.09
C VAL A 35 19.77 13.74 -17.36
N ARG A 36 20.43 14.04 -18.48
CA ARG A 36 19.83 13.75 -19.79
C ARG A 36 20.87 13.47 -20.85
N PHE A 37 20.53 12.59 -21.78
CA PHE A 37 21.31 12.39 -23.00
C PHE A 37 20.37 12.38 -24.18
N ASP A 38 20.78 13.05 -25.26
CA ASP A 38 20.02 13.06 -26.50
C ASP A 38 20.99 12.84 -27.66
N SER A 39 20.69 11.86 -28.50
CA SER A 39 21.57 11.57 -29.63
C SER A 39 21.59 12.72 -30.63
N ASP A 40 20.53 13.51 -30.69
CA ASP A 40 20.44 14.63 -31.62
C ASP A 40 21.00 15.93 -31.06
N ALA A 41 21.45 15.91 -29.83
CA ALA A 41 22.09 17.12 -29.30
C ALA A 41 23.54 17.16 -29.75
N ALA A 42 24.24 18.25 -29.50
CA ALA A 42 25.61 18.43 -30.01
C ALA A 42 26.64 17.86 -29.06
N SER A 43 26.45 18.07 -27.77
CA SER A 43 27.41 17.63 -26.73
C SER A 43 27.78 16.18 -26.91
N GLN A 44 26.81 15.35 -27.28
CA GLN A 44 27.03 13.90 -27.24
C GLN A 44 27.58 13.45 -25.89
N ARG A 45 27.15 14.12 -24.82
CA ARG A 45 27.57 13.83 -23.47
C ARG A 45 26.34 13.77 -22.58
N MET A 46 26.54 13.28 -21.35
CA MET A 46 25.50 13.35 -20.32
C MET A 46 25.43 14.79 -19.80
N GLU A 47 24.29 15.39 -19.94
CA GLU A 47 24.22 16.77 -19.50
C GLU A 47 23.49 16.88 -18.17
N PRO A 48 23.87 17.83 -17.32
CA PRO A 48 23.14 18.03 -16.08
C PRO A 48 21.83 18.77 -16.31
N ARG A 49 20.85 18.46 -15.46
CA ARG A 49 19.56 19.15 -15.49
C ARG A 49 19.15 19.64 -14.12
N ALA A 50 20.07 19.62 -13.19
CA ALA A 50 19.79 19.99 -11.80
C ALA A 50 21.02 20.71 -11.27
N PRO A 51 20.89 21.63 -10.31
CA PRO A 51 22.03 22.37 -9.84
C PRO A 51 22.87 21.56 -8.88
N TRP A 52 22.33 20.46 -8.39
CA TRP A 52 23.03 19.68 -7.35
C TRP A 52 23.89 18.64 -8.03
N ILE A 53 23.61 18.40 -9.29
CA ILE A 53 24.37 17.34 -9.96
C ILE A 53 25.57 17.88 -10.73
N GLU A 54 25.60 19.15 -11.08
CA GLU A 54 26.67 19.67 -11.96
C GLU A 54 28.00 19.76 -11.23
N GLN A 55 27.97 19.64 -9.92
CA GLN A 55 29.20 19.80 -9.12
C GLN A 55 29.92 18.47 -9.03
N GLU A 56 29.34 17.42 -9.61
CA GLU A 56 30.11 16.19 -9.76
C GLU A 56 31.32 16.42 -10.65
N GLY A 57 32.37 15.64 -10.42
CA GLY A 57 33.61 15.80 -11.13
C GLY A 57 33.54 15.28 -12.55
N PRO A 58 34.66 15.48 -13.28
CA PRO A 58 34.70 14.98 -14.66
C PRO A 58 34.61 13.47 -14.76
N GLU A 59 35.07 12.75 -13.74
CA GLU A 59 34.99 11.29 -13.76
C GLU A 59 33.53 10.83 -13.81
N TYR A 60 32.65 11.49 -13.05
CA TYR A 60 31.24 11.14 -13.05
C TYR A 60 30.64 11.27 -14.44
N TRP A 61 30.86 12.40 -15.11
CA TRP A 61 30.27 12.61 -16.42
C TRP A 61 30.90 11.71 -17.47
N ASP A 62 32.21 11.45 -17.36
CA ASP A 62 32.84 10.51 -18.27
C ASP A 62 32.21 9.13 -18.15
N GLY A 63 32.02 8.66 -16.91
CA GLY A 63 31.40 7.36 -16.72
C GLY A 63 29.95 7.31 -17.18
N GLU A 64 29.19 8.37 -16.90
CA GLU A 64 27.80 8.40 -17.33
C GLU A 64 27.67 8.39 -18.84
N THR A 65 28.54 9.09 -19.55
CA THR A 65 28.51 9.14 -21.02
C THR A 65 28.98 7.81 -21.59
N ARG A 66 29.89 7.14 -20.92
CA ARG A 66 30.45 5.87 -21.42
C ARG A 66 29.40 4.80 -21.22
N LYS A 67 28.57 4.98 -20.20
CA LYS A 67 27.51 3.99 -20.01
C LYS A 67 26.30 4.26 -20.88
N VAL A 68 25.96 5.53 -21.11
CA VAL A 68 24.79 5.82 -21.93
C VAL A 68 25.06 5.49 -23.39
N LYS A 69 26.32 5.58 -23.85
CA LYS A 69 26.61 5.15 -25.21
C LYS A 69 26.52 3.63 -25.34
N ALA A 70 26.91 2.89 -24.30
CA ALA A 70 26.69 1.45 -24.31
C ALA A 70 25.19 1.12 -24.36
N HIS A 71 24.38 1.84 -23.58
CA HIS A 71 22.92 1.67 -23.66
C HIS A 71 22.42 1.95 -25.07
N SER A 72 22.94 3.01 -25.69
CA SER A 72 22.53 3.37 -27.05
C SER A 72 22.85 2.25 -28.03
N GLN A 73 23.98 1.60 -27.84
CA GLN A 73 24.42 0.59 -28.82
C GLN A 73 23.62 -0.68 -28.59
N THR A 74 23.31 -0.95 -27.34
CA THR A 74 22.46 -2.09 -27.03
C THR A 74 21.06 -1.91 -27.62
N HIS A 75 20.49 -0.71 -27.48
CA HIS A 75 19.16 -0.47 -28.05
C HIS A 75 19.18 -0.49 -29.57
N ARG A 76 20.26 -0.13 -30.22
CA ARG A 76 20.33 -0.14 -31.70
C ARG A 76 20.35 -1.60 -32.14
N VAL A 77 21.06 -2.43 -31.40
CA VAL A 77 21.04 -3.85 -31.75
C VAL A 77 19.65 -4.44 -31.47
N ASP A 78 19.02 -4.00 -30.38
CA ASP A 78 17.71 -4.54 -30.00
C ASP A 78 16.64 -4.17 -31.03
N LEU A 79 16.74 -3.00 -31.66
CA LEU A 79 15.76 -2.63 -32.67
C LEU A 79 15.74 -3.64 -33.80
N GLY A 80 16.92 -4.02 -34.30
CA GLY A 80 16.96 -5.03 -35.35
C GLY A 80 16.56 -6.40 -34.87
N THR A 81 16.98 -6.78 -33.66
CA THR A 81 16.60 -8.09 -33.14
C THR A 81 15.09 -8.21 -32.99
N LEU A 82 14.44 -7.14 -32.53
CA LEU A 82 12.98 -7.17 -32.35
C LEU A 82 12.26 -7.09 -33.69
N ARG A 83 12.79 -6.31 -34.64
CA ARG A 83 12.23 -6.32 -35.97
C ARG A 83 12.30 -7.71 -36.59
N GLY A 84 13.32 -8.49 -36.22
CA GLY A 84 13.42 -9.85 -36.67
C GLY A 84 12.47 -10.81 -35.97
N TYR A 85 12.30 -10.64 -34.65
CA TYR A 85 11.43 -11.54 -33.90
C TYR A 85 9.97 -11.40 -34.35
N TYR A 86 9.56 -10.20 -34.67
CA TYR A 86 8.17 -9.93 -35.06
C TYR A 86 7.98 -9.85 -36.56
N ASN A 87 9.03 -10.14 -37.34
CA ASN A 87 8.96 -10.22 -38.79
C ASN A 87 8.39 -8.94 -39.40
N GLN A 88 8.84 -7.80 -38.88
CA GLN A 88 8.36 -6.52 -39.34
C GLN A 88 9.25 -5.99 -40.48
N SER A 89 8.69 -5.07 -41.26
CA SER A 89 9.38 -4.56 -42.42
C SER A 89 10.50 -3.60 -42.02
N GLU A 90 11.43 -3.39 -42.95
CA GLU A 90 12.59 -2.53 -42.74
C GLU A 90 12.28 -1.05 -42.93
N ALA A 91 11.07 -0.68 -43.34
CA ALA A 91 10.75 0.71 -43.63
C ALA A 91 9.90 1.37 -42.56
N GLY A 92 9.59 0.69 -41.47
CA GLY A 92 8.76 1.23 -40.42
C GLY A 92 9.58 1.66 -39.21
N SER A 93 9.19 2.79 -38.62
CA SER A 93 9.84 3.29 -37.42
C SER A 93 9.25 2.60 -36.20
N HIS A 94 10.11 2.06 -35.34
CA HIS A 94 9.67 1.35 -34.15
C HIS A 94 10.33 1.94 -32.91
N THR A 95 9.68 1.71 -31.77
CA THR A 95 10.07 2.31 -30.51
C THR A 95 10.41 1.23 -29.50
N VAL A 96 11.51 1.44 -28.79
CA VAL A 96 11.93 0.60 -27.67
C VAL A 96 12.03 1.50 -26.45
N GLN A 97 11.50 1.04 -25.32
CA GLN A 97 11.53 1.82 -24.09
C GLN A 97 12.04 0.95 -22.96
N ARG A 98 12.94 1.50 -22.15
CA ARG A 98 13.47 0.82 -20.99
C ARG A 98 13.39 1.74 -19.78
N MET A 99 12.98 1.19 -18.64
CA MET A 99 12.85 2.00 -17.44
C MET A 99 13.36 1.18 -16.27
N TYR A 100 14.37 1.66 -15.59
CA TYR A 100 14.81 0.91 -14.42
C TYR A 100 15.20 1.85 -13.29
N GLY A 101 15.09 1.34 -12.06
CA GLY A 101 15.43 2.16 -10.92
C GLY A 101 15.08 1.47 -9.62
N CYS A 102 15.21 2.25 -8.55
CA CYS A 102 15.04 1.76 -7.18
C CYS A 102 14.34 2.79 -6.31
N ASP A 103 13.47 2.30 -5.44
CA ASP A 103 12.81 3.09 -4.41
C ASP A 103 13.34 2.67 -3.04
N VAL A 104 13.65 3.65 -2.20
CA VAL A 104 14.06 3.44 -0.83
C VAL A 104 13.02 4.05 0.10
N GLY A 105 12.88 3.46 1.29
CA GLY A 105 11.91 3.89 2.25
C GLY A 105 12.39 5.04 3.11
N SER A 106 11.64 5.29 4.18
CA SER A 106 11.96 6.39 5.08
C SER A 106 13.32 6.22 5.74
N ASP A 107 13.78 4.97 5.87
CA ASP A 107 15.10 4.70 6.44
C ASP A 107 16.21 4.79 5.40
N TRP A 108 15.88 5.19 4.18
CA TRP A 108 16.85 5.30 3.08
C TRP A 108 17.52 3.97 2.77
N ARG A 109 16.84 2.87 3.06
CA ARG A 109 17.27 1.53 2.71
C ARG A 109 16.40 1.00 1.58
N PHE A 110 16.96 0.05 0.83
CA PHE A 110 16.30 -0.49 -0.35
C PHE A 110 14.89 -0.96 -0.04
N LEU A 111 13.94 -0.57 -0.89
CA LEU A 111 12.53 -0.90 -0.74
C LEU A 111 11.97 -1.65 -1.93
N ARG A 112 12.29 -1.23 -3.14
CA ARG A 112 11.74 -1.88 -4.32
C ARG A 112 12.65 -1.60 -5.51
N GLY A 113 12.86 -2.60 -6.36
CA GLY A 113 13.61 -2.43 -7.58
C GLY A 113 12.75 -2.78 -8.78
N TYR A 114 13.05 -2.15 -9.91
CA TYR A 114 12.28 -2.46 -11.12
C TYR A 114 13.13 -2.25 -12.37
N HIS A 115 12.82 -3.04 -13.39
CA HIS A 115 13.52 -2.97 -14.68
C HIS A 115 12.53 -3.48 -15.73
N GLN A 116 11.85 -2.56 -16.41
CA GLN A 116 10.83 -2.87 -17.40
C GLN A 116 11.34 -2.54 -18.79
N TYR A 117 10.86 -3.29 -19.78
CA TYR A 117 11.28 -3.13 -21.16
C TYR A 117 10.07 -3.34 -22.06
N ALA A 118 9.81 -2.38 -22.94
CA ALA A 118 8.64 -2.39 -23.80
C ALA A 118 9.04 -2.15 -25.24
N TYR A 119 8.21 -2.65 -26.16
CA TYR A 119 8.42 -2.49 -27.59
C TYR A 119 7.12 -2.02 -28.21
N ASP A 120 7.18 -0.90 -28.93
CA ASP A 120 6.00 -0.27 -29.54
C ASP A 120 4.93 0.03 -28.49
N GLY A 121 5.35 0.51 -27.32
CA GLY A 121 4.41 0.88 -26.29
C GLY A 121 3.68 -0.26 -25.63
N LYS A 122 4.17 -1.45 -25.86
CA LYS A 122 3.54 -2.66 -25.27
C LYS A 122 4.58 -3.33 -24.40
N ASP A 123 4.16 -3.80 -23.22
CA ASP A 123 5.10 -4.49 -22.34
C ASP A 123 5.75 -5.65 -23.07
N TYR A 124 7.09 -5.73 -22.97
CA TYR A 124 7.84 -6.81 -23.57
C TYR A 124 8.35 -7.75 -22.48
N ILE A 125 9.31 -7.31 -21.67
CA ILE A 125 9.84 -8.15 -20.59
C ILE A 125 10.09 -7.28 -19.36
N ALA A 126 9.81 -7.84 -18.19
CA ALA A 126 9.92 -7.07 -16.97
C ALA A 126 10.52 -7.90 -15.85
N LEU A 127 11.37 -7.29 -15.05
CA LEU A 127 11.88 -7.97 -13.86
C LEU A 127 10.79 -8.04 -12.80
N LYS A 128 10.61 -9.18 -12.20
CA LYS A 128 9.55 -9.37 -11.21
C LYS A 128 9.98 -8.73 -9.90
N GLU A 129 9.08 -8.65 -8.95
CA GLU A 129 9.34 -7.94 -7.70
C GLU A 129 10.44 -8.61 -6.89
N ASP A 130 10.60 -9.94 -7.01
CA ASP A 130 11.65 -10.64 -6.29
C ASP A 130 13.04 -10.40 -6.87
N LEU A 131 13.14 -9.67 -7.99
CA LEU A 131 14.41 -9.38 -8.65
C LEU A 131 15.18 -10.65 -8.98
N ARG A 132 14.47 -11.74 -9.28
CA ARG A 132 15.08 -13.02 -9.60
C ARG A 132 14.52 -13.59 -10.89
N SER A 133 13.25 -13.37 -11.14
CA SER A 133 12.56 -13.95 -12.28
C SER A 133 12.09 -12.87 -13.23
N TRP A 134 11.60 -13.30 -14.39
CA TRP A 134 11.14 -12.39 -15.43
C TRP A 134 9.70 -12.68 -15.80
N THR A 135 9.01 -11.63 -16.23
CA THR A 135 7.66 -11.72 -16.78
C THR A 135 7.74 -11.37 -18.25
N ALA A 136 7.43 -12.35 -19.09
CA ALA A 136 7.43 -12.18 -20.54
C ALA A 136 6.01 -11.95 -21.04
N ALA A 137 5.90 -11.21 -22.14
CA ALA A 137 4.59 -10.89 -22.70
C ALA A 137 4.14 -11.86 -23.78
N ASP A 138 5.07 -12.41 -24.56
CA ASP A 138 4.72 -13.34 -25.63
C ASP A 138 5.89 -14.30 -25.83
N MET A 139 6.02 -14.93 -26.91
CA MET A 139 7.04 -15.98 -27.13
C MET A 139 8.39 -15.42 -27.54
N ALA A 140 8.39 -14.22 -28.20
CA ALA A 140 9.67 -13.56 -28.40
C ALA A 140 10.24 -13.08 -27.07
N ALA A 141 9.38 -12.53 -26.21
CA ALA A 141 9.83 -12.15 -24.88
C ALA A 141 10.27 -13.35 -24.06
N GLN A 142 9.76 -14.53 -24.37
CA GLN A 142 10.14 -15.76 -23.65
C GLN A 142 11.50 -16.21 -24.15
N THR A 143 11.73 -16.05 -25.43
CA THR A 143 13.06 -16.30 -25.98
C THR A 143 14.09 -15.39 -25.32
N THR A 144 13.76 -14.10 -25.19
CA THR A 144 14.65 -13.18 -24.48
C THR A 144 14.81 -13.60 -23.02
N LYS A 145 13.73 -14.08 -22.40
CA LYS A 145 13.80 -14.52 -21.01
C LYS A 145 14.78 -15.67 -20.85
N HIS A 146 14.79 -16.61 -21.79
CA HIS A 146 15.74 -17.71 -21.73
C HIS A 146 17.16 -17.22 -21.97
N LYS A 147 17.35 -16.32 -22.94
CA LYS A 147 18.66 -15.75 -23.20
C LYS A 147 19.20 -15.02 -21.98
N TRP A 148 18.33 -14.37 -21.23
CA TRP A 148 18.77 -13.60 -20.06
C TRP A 148 18.93 -14.47 -18.81
N GLU A 149 18.14 -15.55 -18.70
CA GLU A 149 18.36 -16.50 -17.61
C GLU A 149 19.67 -17.23 -17.79
N ALA A 150 20.03 -17.55 -19.04
CA ALA A 150 21.31 -18.21 -19.27
C ALA A 150 22.48 -17.29 -18.92
N ALA A 151 22.34 -15.99 -19.17
CA ALA A 151 23.42 -15.04 -18.91
C ALA A 151 23.45 -14.54 -17.46
N HIS A 152 22.52 -15.00 -16.61
CA HIS A 152 22.42 -14.55 -15.22
C HIS A 152 22.26 -13.03 -15.15
N VAL A 153 21.36 -12.51 -15.97
CA VAL A 153 21.11 -11.07 -16.00
C VAL A 153 20.49 -10.60 -14.70
N ALA A 154 19.53 -11.37 -14.18
CA ALA A 154 18.77 -10.94 -13.02
C ALA A 154 19.66 -10.81 -11.77
N GLU A 155 20.70 -11.63 -11.67
CA GLU A 155 21.59 -11.54 -10.52
C GLU A 155 22.39 -10.23 -10.54
N GLN A 156 22.94 -9.89 -11.71
CA GLN A 156 23.66 -8.62 -11.84
C GLN A 156 22.73 -7.44 -11.62
N LEU A 157 21.51 -7.53 -12.14
CA LEU A 157 20.53 -6.46 -11.96
C LEU A 157 20.14 -6.31 -10.50
N ARG A 158 20.04 -7.43 -9.78
CA ARG A 158 19.77 -7.37 -8.34
C ARG A 158 20.92 -6.70 -7.60
N ALA A 159 22.15 -7.06 -7.96
CA ALA A 159 23.31 -6.41 -7.34
C ALA A 159 23.29 -4.91 -7.58
N TYR A 160 22.89 -4.48 -8.78
CA TYR A 160 22.85 -3.05 -9.06
C TYR A 160 21.72 -2.36 -8.31
N LEU A 161 20.50 -2.90 -8.41
CA LEU A 161 19.32 -2.22 -7.86
C LEU A 161 19.36 -2.18 -6.34
N GLU A 162 19.85 -3.23 -5.71
CA GLU A 162 19.89 -3.27 -4.26
C GLU A 162 21.14 -2.62 -3.68
N GLY A 163 22.18 -2.41 -4.48
CA GLY A 163 23.42 -1.84 -3.98
C GLY A 163 23.77 -0.49 -4.57
N THR A 164 24.24 -0.50 -5.83
CA THR A 164 24.72 0.73 -6.45
C THR A 164 23.61 1.78 -6.55
N CYS A 165 22.43 1.36 -6.98
CA CYS A 165 21.32 2.28 -7.14
C CYS A 165 21.00 2.98 -5.82
N VAL A 166 20.90 2.21 -4.74
CA VAL A 166 20.55 2.78 -3.45
C VAL A 166 21.63 3.73 -2.95
N GLU A 167 22.90 3.35 -3.12
CA GLU A 167 24.01 4.18 -2.64
C GLU A 167 24.03 5.52 -3.36
N TRP A 168 23.92 5.49 -4.70
CA TRP A 168 23.97 6.75 -5.43
C TRP A 168 22.71 7.57 -5.22
N LEU A 169 21.58 6.93 -4.99
CA LEU A 169 20.37 7.68 -4.61
C LEU A 169 20.56 8.39 -3.28
N ARG A 170 21.18 7.72 -2.31
CA ARG A 170 21.44 8.37 -1.03
C ARG A 170 22.42 9.53 -1.20
N ARG A 171 23.48 9.32 -2.02
CA ARG A 171 24.39 10.44 -2.32
C ARG A 171 23.59 11.61 -2.88
N TYR A 172 22.76 11.39 -3.87
CA TYR A 172 22.02 12.49 -4.47
C TYR A 172 21.12 13.18 -3.44
N LEU A 173 20.43 12.39 -2.61
CA LEU A 173 19.55 12.98 -1.60
C LEU A 173 20.34 13.84 -0.63
N GLU A 174 21.57 13.46 -0.30
CA GLU A 174 22.37 14.26 0.62
C GLU A 174 22.90 15.51 -0.08
N ASN A 175 23.37 15.38 -1.32
CA ASN A 175 23.97 16.53 -2.00
C ASN A 175 22.92 17.53 -2.47
N GLY A 176 21.71 17.07 -2.82
CA GLY A 176 20.70 17.98 -3.30
C GLY A 176 19.48 18.09 -2.43
N LYS A 177 19.67 18.08 -1.10
CA LYS A 177 18.53 18.08 -0.19
C LYS A 177 17.71 19.37 -0.27
N GLU A 178 18.31 20.47 -0.71
CA GLU A 178 17.56 21.72 -0.80
C GLU A 178 16.42 21.62 -1.82
N THR A 179 16.58 20.79 -2.83
CA THR A 179 15.53 20.58 -3.81
C THR A 179 14.89 19.20 -3.73
N LEU A 180 15.64 18.18 -3.32
CA LEU A 180 15.13 16.81 -3.31
C LEU A 180 14.36 16.47 -2.04
N GLN A 181 14.84 16.94 -0.88
CA GLN A 181 14.18 16.66 0.39
C GLN A 181 13.20 17.75 0.81
N ARG A 182 12.82 18.64 -0.10
CA ARG A 182 11.89 19.71 0.22
C ARG A 182 10.45 19.24 0.01
N THR A 183 9.53 19.98 0.64
CA THR A 183 8.08 19.75 0.46
C THR A 183 7.44 21.13 0.32
N ASP A 184 7.20 21.53 -0.93
CA ASP A 184 6.53 22.81 -1.20
C ASP A 184 5.02 22.60 -1.08
N ALA A 185 4.42 23.16 -0.04
CA ALA A 185 2.98 23.07 0.10
C ALA A 185 2.30 23.85 -1.01
N PRO A 186 1.16 23.38 -1.51
CA PRO A 186 0.50 24.07 -2.62
C PRO A 186 -0.12 25.38 -2.18
N LYS A 187 -0.01 26.35 -3.08
CA LYS A 187 -0.69 27.65 -2.92
C LYS A 187 -2.04 27.42 -3.57
N THR A 188 -3.12 27.57 -2.81
CA THR A 188 -4.44 27.21 -3.28
C THR A 188 -5.32 28.44 -3.39
N HIS A 189 -6.18 28.45 -4.40
CA HIS A 189 -7.19 29.51 -4.48
C HIS A 189 -8.33 29.08 -5.38
N MET A 190 -9.47 29.73 -5.22
CA MET A 190 -10.69 29.35 -5.91
C MET A 190 -11.17 30.50 -6.78
N THR A 191 -11.58 30.13 -7.99
CA THR A 191 -12.07 31.11 -8.98
C THR A 191 -13.53 30.78 -9.30
N HIS A 192 -14.28 31.77 -9.76
CA HIS A 192 -15.71 31.64 -10.05
C HIS A 192 -16.00 32.35 -11.36
N HIS A 193 -16.44 31.58 -12.34
CA HIS A 193 -16.77 32.11 -13.67
C HIS A 193 -18.25 31.88 -13.98
N ALA A 194 -18.88 32.78 -14.72
CA ALA A 194 -20.30 32.71 -15.06
C ALA A 194 -20.42 32.18 -16.48
N VAL A 195 -20.77 30.89 -16.62
CA VAL A 195 -21.00 30.34 -17.95
C VAL A 195 -22.37 30.71 -18.49
N SER A 196 -23.30 31.10 -17.61
CA SER A 196 -24.61 31.61 -18.01
C SER A 196 -25.18 32.39 -16.82
N ASP A 197 -26.48 32.64 -16.82
CA ASP A 197 -27.06 33.48 -15.73
C ASP A 197 -27.60 32.55 -14.66
N HIS A 198 -27.70 31.26 -15.02
CA HIS A 198 -28.29 30.24 -14.12
C HIS A 198 -27.25 29.19 -13.73
N GLU A 199 -26.08 29.21 -14.37
CA GLU A 199 -25.00 28.27 -14.06
C GLU A 199 -23.72 29.04 -13.83
N ALA A 200 -22.77 28.39 -13.16
CA ALA A 200 -21.46 28.96 -12.92
C ALA A 200 -20.43 27.85 -12.82
N THR A 201 -19.17 28.20 -13.00
CA THR A 201 -18.06 27.27 -12.88
C THR A 201 -17.23 27.66 -11.66
N LEU A 202 -17.04 26.71 -10.76
CA LEU A 202 -16.21 26.89 -9.59
C LEU A 202 -14.95 26.06 -9.79
N ARG A 203 -13.81 26.73 -9.91
CA ARG A 203 -12.53 26.05 -10.13
C ARG A 203 -11.63 26.23 -8.93
N CYS A 204 -10.97 25.14 -8.54
CA CYS A 204 -10.10 25.10 -7.37
C CYS A 204 -8.69 24.79 -7.84
N TRP A 205 -7.76 25.71 -7.54
CA TRP A 205 -6.38 25.68 -8.02
C TRP A 205 -5.42 25.35 -6.91
N ALA A 206 -4.42 24.52 -7.24
CA ALA A 206 -3.26 24.24 -6.41
C ALA A 206 -2.02 24.45 -7.26
N LEU A 207 -1.16 25.38 -6.85
CA LEU A 207 0.00 25.79 -7.65
C LEU A 207 1.26 25.67 -6.80
N SER A 208 2.41 25.56 -7.45
CA SER A 208 3.72 25.57 -6.76
C SER A 208 3.87 24.51 -5.67
N PHE A 209 3.53 23.28 -5.99
CA PHE A 209 3.70 22.22 -4.99
C PHE A 209 4.68 21.17 -5.48
N TYR A 210 5.35 20.52 -4.53
CA TYR A 210 6.31 19.48 -4.80
C TYR A 210 6.30 18.59 -3.57
N PRO A 211 6.26 17.25 -3.75
CA PRO A 211 6.21 16.57 -5.05
C PRO A 211 4.83 16.64 -5.72
N ALA A 212 4.71 15.98 -6.88
CA ALA A 212 3.52 16.13 -7.72
C ALA A 212 2.29 15.43 -7.16
N GLU A 213 2.44 14.64 -6.11
CA GLU A 213 1.29 13.86 -5.62
C GLU A 213 0.38 14.73 -4.79
N ILE A 214 -0.85 14.86 -5.25
CA ILE A 214 -1.80 15.74 -4.58
C ILE A 214 -3.19 15.22 -4.90
N THR A 215 -4.12 15.47 -3.98
CA THR A 215 -5.54 15.10 -4.19
C THR A 215 -6.48 16.32 -4.06
N LEU A 216 -7.20 16.68 -5.14
CA LEU A 216 -8.21 17.74 -5.13
C LEU A 216 -9.57 17.09 -5.28
N THR A 217 -10.43 17.30 -4.30
CA THR A 217 -11.75 16.66 -4.29
C THR A 217 -12.81 17.71 -4.06
N TRP A 218 -13.87 17.68 -4.85
CA TRP A 218 -15.01 18.55 -4.61
C TRP A 218 -16.09 17.78 -3.85
N GLN A 219 -16.80 18.51 -2.99
CA GLN A 219 -17.89 17.94 -2.23
C GLN A 219 -19.07 18.89 -2.25
N ARG A 220 -20.27 18.34 -2.41
CA ARG A 220 -21.52 19.08 -2.30
C ARG A 220 -22.22 18.62 -1.03
N ASP A 221 -22.31 19.50 -0.04
CA ASP A 221 -22.91 19.16 1.25
C ASP A 221 -22.26 17.92 1.88
N GLY A 222 -21.01 17.65 1.52
CA GLY A 222 -20.29 16.53 2.07
C GLY A 222 -20.21 15.33 1.15
N GLU A 223 -21.14 15.19 0.20
CA GLU A 223 -21.12 14.02 -0.68
C GLU A 223 -20.11 14.23 -1.80
N ASP A 224 -19.50 13.13 -2.22
CA ASP A 224 -18.45 13.18 -3.23
C ASP A 224 -19.01 13.62 -4.58
N GLN A 225 -18.21 14.36 -5.34
CA GLN A 225 -18.63 14.91 -6.61
C GLN A 225 -17.62 14.60 -7.71
N THR A 226 -16.94 13.46 -7.59
CA THR A 226 -15.85 13.16 -8.55
C THR A 226 -16.39 12.83 -9.92
N GLN A 227 -17.57 12.41 -10.07
CA GLN A 227 -18.15 12.03 -11.38
C GLN A 227 -18.51 13.28 -12.18
N ASP A 228 -18.73 14.38 -11.46
CA ASP A 228 -19.12 15.67 -12.08
C ASP A 228 -17.98 16.66 -11.93
N THR A 229 -16.77 16.18 -11.71
CA THR A 229 -15.62 17.04 -11.48
C THR A 229 -14.66 16.96 -12.66
N GLU A 230 -14.41 18.11 -13.30
CA GLU A 230 -13.39 18.20 -14.34
C GLU A 230 -12.04 18.30 -13.66
N LEU A 231 -11.30 17.20 -13.63
CA LEU A 231 -9.95 17.18 -13.04
C LEU A 231 -8.96 17.04 -14.16
N VAL A 232 -7.89 17.80 -14.10
CA VAL A 232 -6.83 17.75 -15.09
C VAL A 232 -5.65 17.00 -14.51
N GLU A 233 -4.82 16.50 -15.40
CA GLU A 233 -3.63 15.75 -14.99
C GLU A 233 -2.65 16.73 -14.36
N THR A 234 -1.96 16.30 -13.32
CA THR A 234 -0.97 17.16 -12.69
C THR A 234 0.12 17.51 -13.70
N ARG A 235 0.37 18.81 -13.87
CA ARG A 235 1.22 19.32 -14.91
C ARG A 235 2.42 20.06 -14.33
N PRO A 236 3.56 20.01 -15.00
CA PRO A 236 4.73 20.76 -14.53
C PRO A 236 4.61 22.24 -14.82
N ALA A 237 5.03 23.06 -13.86
CA ALA A 237 5.05 24.50 -14.05
C ALA A 237 6.28 24.96 -14.82
N GLY A 238 7.36 24.17 -14.80
CA GLY A 238 8.59 24.50 -15.48
C GLY A 238 9.75 24.87 -14.57
N ASP A 239 9.44 25.16 -13.31
CA ASP A 239 10.43 25.61 -12.31
C ASP A 239 10.68 24.54 -11.26
N GLY A 240 10.33 23.30 -11.52
CA GLY A 240 10.48 22.25 -10.54
C GLY A 240 9.28 22.04 -9.64
N THR A 241 8.22 22.82 -9.81
CA THR A 241 6.98 22.63 -9.06
C THR A 241 5.88 22.18 -10.02
N PHE A 242 4.71 21.90 -9.46
CA PHE A 242 3.59 21.37 -10.24
C PHE A 242 2.31 22.13 -9.96
N GLN A 243 1.35 21.95 -10.86
CA GLN A 243 0.06 22.61 -10.81
C GLN A 243 -1.05 21.59 -10.99
N LYS A 244 -2.24 21.96 -10.52
CA LYS A 244 -3.41 21.12 -10.72
C LYS A 244 -4.64 21.96 -10.40
N TRP A 245 -5.77 21.60 -11.01
CA TRP A 245 -7.02 22.22 -10.64
C TRP A 245 -8.18 21.27 -10.90
N ALA A 246 -9.26 21.52 -10.18
CA ALA A 246 -10.49 20.74 -10.32
C ALA A 246 -11.66 21.72 -10.42
N ALA A 247 -12.51 21.53 -11.42
CA ALA A 247 -13.63 22.42 -11.66
C ALA A 247 -14.95 21.67 -11.52
N VAL A 248 -15.97 22.37 -11.10
CA VAL A 248 -17.33 21.81 -10.94
C VAL A 248 -18.33 22.82 -11.50
N VAL A 249 -19.42 22.36 -12.08
CA VAL A 249 -20.51 23.21 -12.58
C VAL A 249 -21.54 23.34 -11.46
N VAL A 250 -21.67 24.55 -10.93
CA VAL A 250 -22.53 24.84 -9.79
C VAL A 250 -23.76 25.59 -10.29
N PRO A 251 -24.97 25.18 -9.92
CA PRO A 251 -26.14 26.03 -10.17
C PRO A 251 -26.05 27.32 -9.37
N SER A 252 -26.34 28.44 -10.04
CA SER A 252 -26.19 29.75 -9.42
C SER A 252 -27.01 29.84 -8.14
N GLY A 253 -26.35 30.12 -7.03
CA GLY A 253 -26.97 30.17 -5.72
C GLY A 253 -26.59 29.01 -4.81
N GLN A 254 -25.86 28.01 -5.32
CA GLN A 254 -25.49 26.85 -4.55
C GLN A 254 -23.99 26.80 -4.26
N GLU A 255 -23.28 27.92 -4.42
CA GLU A 255 -21.83 27.92 -4.23
C GLU A 255 -21.45 27.56 -2.80
N GLN A 256 -22.18 27.86 -1.83
CA GLN A 256 -21.88 27.62 -0.41
C GLN A 256 -22.04 26.16 -0.06
N ARG A 257 -22.73 25.41 -0.96
CA ARG A 257 -22.83 23.97 -0.76
C ARG A 257 -21.56 23.24 -1.15
N TYR A 258 -20.71 23.85 -1.96
CA TYR A 258 -19.54 23.19 -2.52
C TYR A 258 -18.30 23.55 -1.72
N THR A 259 -17.49 22.53 -1.42
CA THR A 259 -16.22 22.70 -0.73
C THR A 259 -15.15 21.95 -1.50
N CYS A 260 -14.00 22.59 -1.69
CA CYS A 260 -12.83 21.96 -2.30
C CYS A 260 -11.90 21.48 -1.19
N HIS A 261 -11.34 20.29 -1.37
CA HIS A 261 -10.44 19.68 -0.41
C HIS A 261 -9.11 19.41 -1.08
N VAL A 262 -8.04 19.86 -0.45
CA VAL A 262 -6.68 19.76 -0.97
C VAL A 262 -5.87 18.93 0.01
N GLN A 263 -5.30 17.84 -0.49
CA GLN A 263 -4.47 16.94 0.31
C GLN A 263 -3.10 16.83 -0.34
N HIS A 264 -2.06 17.18 0.41
CA HIS A 264 -0.70 17.15 -0.10
C HIS A 264 0.24 16.77 1.05
N GLU A 265 1.42 16.25 0.67
CA GLU A 265 2.39 15.85 1.68
C GLU A 265 2.89 17.04 2.49
N GLY A 266 3.00 18.21 1.86
CA GLY A 266 3.44 19.44 2.49
C GLY A 266 2.43 20.14 3.37
N LEU A 267 1.19 19.65 3.43
CA LEU A 267 0.16 20.27 4.24
C LEU A 267 -0.01 19.50 5.53
N PRO A 268 0.17 20.11 6.70
CA PRO A 268 -0.06 19.38 7.95
C PRO A 268 -1.50 18.94 8.13
N LYS A 269 -2.42 19.81 7.72
CA LYS A 269 -3.86 19.48 7.76
C LYS A 269 -4.43 19.65 6.34
N PRO A 270 -5.35 18.80 5.80
CA PRO A 270 -5.94 19.01 4.47
C PRO A 270 -6.70 20.33 4.41
N LEU A 271 -6.43 21.12 3.37
CA LEU A 271 -7.06 22.44 3.24
C LEU A 271 -8.49 22.30 2.74
N THR A 272 -9.40 23.00 3.37
CA THR A 272 -10.82 23.00 2.97
C THR A 272 -11.21 24.41 2.54
N LEU A 273 -11.39 24.56 1.20
CA LEU A 273 -11.67 25.87 0.60
C LEU A 273 -13.16 25.94 0.30
N ARG A 274 -13.74 27.12 0.55
CA ARG A 274 -15.17 27.29 0.30
C ARG A 274 -15.40 28.66 -0.31
N TRP A 275 -16.21 28.71 -1.36
CA TRP A 275 -16.60 29.99 -1.95
C TRP A 275 -17.72 30.60 -1.12
N GLU A 276 -17.53 31.82 -0.65
CA GLU A 276 -18.57 32.33 0.28
C GLU A 276 -18.56 31.43 1.53
N MET B 1 0.36 -0.84 -34.78
CA MET B 1 1.00 -0.77 -33.46
C MET B 1 0.27 0.25 -32.62
N ILE B 2 0.53 0.24 -31.34
CA ILE B 2 -0.14 1.15 -30.38
C ILE B 2 -0.07 2.60 -30.82
N GLN B 3 -1.21 3.29 -30.82
CA GLN B 3 -1.29 4.72 -31.08
C GLN B 3 -2.19 5.36 -30.03
N ARG B 4 -1.64 6.27 -29.23
CA ARG B 4 -2.39 6.96 -28.20
C ARG B 4 -2.43 8.45 -28.51
N THR B 5 -3.58 9.07 -28.24
CA THR B 5 -3.84 10.47 -28.55
C THR B 5 -3.21 11.37 -27.49
N PRO B 6 -2.54 12.45 -27.91
CA PRO B 6 -1.94 13.36 -26.92
C PRO B 6 -3.00 14.21 -26.24
N LYS B 7 -2.94 14.23 -24.91
CA LYS B 7 -3.67 15.20 -24.11
C LYS B 7 -2.86 16.48 -24.05
N ILE B 8 -3.50 17.61 -24.32
CA ILE B 8 -2.82 18.90 -24.46
C ILE B 8 -3.33 19.84 -23.36
N GLN B 9 -2.40 20.53 -22.70
CA GLN B 9 -2.75 21.56 -21.73
C GLN B 9 -1.91 22.79 -22.00
N VAL B 10 -2.57 23.92 -22.25
CA VAL B 10 -1.90 25.20 -22.46
C VAL B 10 -2.13 26.04 -21.22
N TYR B 11 -1.05 26.51 -20.60
CA TYR B 11 -1.17 27.21 -19.34
C TYR B 11 0.04 28.11 -19.15
N SER B 12 0.07 28.81 -18.02
CA SER B 12 1.19 29.66 -17.66
C SER B 12 1.84 29.14 -16.39
N ARG B 13 3.14 29.41 -16.24
CA ARG B 13 3.85 28.97 -15.06
C ARG B 13 3.31 29.65 -13.80
N HIS B 14 3.03 30.94 -13.89
CA HIS B 14 2.47 31.73 -12.81
C HIS B 14 1.09 32.24 -13.21
N PRO B 15 0.27 32.64 -12.23
CA PRO B 15 -1.03 33.25 -12.56
C PRO B 15 -0.85 34.45 -13.49
N ALA B 16 -1.65 34.49 -14.54
CA ALA B 16 -1.50 35.51 -15.57
C ALA B 16 -1.78 36.89 -15.02
N GLU B 17 -0.83 37.80 -15.20
CA GLU B 17 -0.98 39.21 -14.84
C GLU B 17 -0.45 40.05 -15.99
N ASN B 18 -1.29 40.96 -16.48
CA ASN B 18 -0.92 41.74 -17.66
C ASN B 18 0.29 42.62 -17.37
N GLY B 19 1.24 42.63 -18.29
CA GLY B 19 2.43 43.44 -18.17
C GLY B 19 3.58 42.79 -17.43
N LYS B 20 3.36 41.67 -16.77
CA LYS B 20 4.40 41.00 -16.00
C LYS B 20 4.85 39.74 -16.73
N SER B 21 6.16 39.50 -16.70
CA SER B 21 6.74 38.38 -17.41
C SER B 21 6.27 37.05 -16.82
N ASN B 22 6.26 36.02 -17.65
CA ASN B 22 5.75 34.71 -17.26
C ASN B 22 6.27 33.71 -18.29
N PHE B 23 5.88 32.45 -18.11
CA PHE B 23 6.22 31.39 -19.06
C PHE B 23 4.94 30.73 -19.57
N LEU B 24 4.84 30.59 -20.89
CA LEU B 24 3.76 29.84 -21.51
C LEU B 24 4.21 28.41 -21.73
N ASN B 25 3.39 27.47 -21.26
CA ASN B 25 3.65 26.04 -21.35
C ASN B 25 2.58 25.37 -22.18
N CYS B 26 3.02 24.42 -23.02
CA CYS B 26 2.16 23.47 -23.70
C CYS B 26 2.64 22.09 -23.30
N TYR B 27 1.81 21.38 -22.54
CA TYR B 27 2.13 20.09 -21.97
C TYR B 27 1.34 19.03 -22.74
N VAL B 28 2.04 18.21 -23.51
CA VAL B 28 1.43 17.09 -24.22
C VAL B 28 1.80 15.82 -23.48
N SER B 29 0.81 14.95 -23.27
CA SER B 29 1.06 13.77 -22.45
C SER B 29 0.19 12.61 -22.92
N GLY B 30 0.64 11.41 -22.60
CA GLY B 30 -0.15 10.24 -22.87
C GLY B 30 -0.26 9.87 -24.33
N PHE B 31 0.72 10.27 -25.14
CA PHE B 31 0.71 9.99 -26.57
C PHE B 31 1.70 8.89 -26.91
N HIS B 32 1.49 8.28 -28.07
CA HIS B 32 2.35 7.23 -28.61
C HIS B 32 2.01 7.05 -30.09
N PRO B 33 2.99 6.93 -30.99
CA PRO B 33 4.44 6.96 -30.71
C PRO B 33 4.98 8.36 -30.41
N SER B 34 6.30 8.48 -30.25
CA SER B 34 6.92 9.71 -29.81
C SER B 34 6.99 10.80 -30.88
N ASP B 35 6.75 10.48 -32.13
CA ASP B 35 6.81 11.48 -33.20
C ASP B 35 5.66 12.47 -33.04
N ILE B 36 5.98 13.70 -32.68
CA ILE B 36 4.97 14.71 -32.38
C ILE B 36 5.51 16.07 -32.78
N GLU B 37 4.61 16.98 -33.16
CA GLU B 37 4.99 18.34 -33.53
C GLU B 37 4.20 19.32 -32.69
N VAL B 38 4.89 20.14 -31.92
CA VAL B 38 4.27 21.08 -30.99
C VAL B 38 4.82 22.48 -31.25
N ASP B 39 3.92 23.41 -31.57
CA ASP B 39 4.31 24.79 -31.82
C ASP B 39 3.48 25.72 -30.93
N LEU B 40 4.14 26.70 -30.34
CA LEU B 40 3.45 27.72 -29.57
C LEU B 40 3.19 28.92 -30.46
N LEU B 41 1.96 29.47 -30.37
CA LEU B 41 1.49 30.52 -31.26
C LEU B 41 1.09 31.75 -30.47
N LYS B 42 1.49 32.92 -30.97
CA LYS B 42 1.03 34.21 -30.46
C LYS B 42 0.24 34.89 -31.56
N ASN B 43 -1.07 35.03 -31.35
CA ASN B 43 -1.99 35.60 -32.34
C ASN B 43 -1.91 34.85 -33.67
N GLY B 44 -1.78 33.53 -33.59
CA GLY B 44 -1.74 32.69 -34.76
C GLY B 44 -0.36 32.49 -35.37
N GLU B 45 0.61 33.31 -35.00
CA GLU B 45 1.96 33.24 -35.55
C GLU B 45 2.85 32.37 -34.67
N ARG B 46 3.73 31.61 -35.30
CA ARG B 46 4.60 30.68 -34.58
C ARG B 46 5.66 31.44 -33.79
N ILE B 47 5.79 31.11 -32.50
CA ILE B 47 6.82 31.69 -31.64
C ILE B 47 8.14 30.98 -31.91
N GLU B 48 9.19 31.76 -32.16
CA GLU B 48 10.47 31.21 -32.57
C GLU B 48 11.20 30.52 -31.42
N LYS B 49 11.56 31.23 -30.40
CA LYS B 49 12.41 30.62 -29.36
C LYS B 49 11.56 29.82 -28.39
N VAL B 50 11.39 28.58 -28.67
CA VAL B 50 10.64 27.69 -27.77
C VAL B 50 11.54 26.55 -27.34
N GLU B 51 11.77 26.42 -26.04
CA GLU B 51 12.49 25.28 -25.52
C GLU B 51 11.52 24.18 -25.10
N HIS B 52 12.02 22.95 -25.04
CA HIS B 52 11.20 21.81 -24.68
C HIS B 52 11.94 20.92 -23.69
N SER B 53 11.18 20.21 -22.88
CA SER B 53 11.76 19.28 -21.91
C SER B 53 12.27 18.05 -22.65
N ASP B 54 12.73 17.06 -21.90
CA ASP B 54 13.27 15.85 -22.47
C ASP B 54 12.21 14.75 -22.46
N LEU B 55 12.31 13.86 -23.44
CA LEU B 55 11.26 12.88 -23.70
C LEU B 55 11.26 11.81 -22.62
N SER B 56 10.16 11.71 -21.87
CA SER B 56 9.96 10.70 -20.85
C SER B 56 8.58 10.10 -21.03
N PHE B 57 8.34 8.96 -20.37
CA PHE B 57 7.09 8.23 -20.51
C PHE B 57 6.55 7.86 -19.14
N SER B 58 5.29 7.40 -19.19
CA SER B 58 4.54 7.08 -17.97
C SER B 58 4.43 5.57 -17.76
N LYS B 59 3.57 5.14 -16.85
CA LYS B 59 3.51 3.72 -16.52
C LYS B 59 3.02 2.89 -17.70
N ASP B 60 2.17 3.45 -18.56
CA ASP B 60 1.68 2.76 -19.75
C ASP B 60 2.55 3.03 -20.98
N TRP B 61 3.78 3.48 -20.77
CA TRP B 61 4.76 3.74 -21.82
C TRP B 61 4.34 4.86 -22.76
N SER B 62 3.43 5.72 -22.33
CA SER B 62 3.01 6.86 -23.13
C SER B 62 3.91 8.04 -22.80
N PHE B 63 4.36 8.74 -23.85
CA PHE B 63 5.32 9.82 -23.68
C PHE B 63 4.65 11.10 -23.20
N TYR B 64 5.47 11.97 -22.61
CA TYR B 64 5.07 13.31 -22.12
C TYR B 64 6.16 14.32 -22.44
N LEU B 65 5.80 15.47 -22.98
CA LEU B 65 6.73 16.54 -23.28
C LEU B 65 6.13 17.87 -22.82
N LEU B 66 7.02 18.78 -22.42
CA LEU B 66 6.64 20.13 -22.05
C LEU B 66 7.40 21.11 -22.95
N TYR B 67 6.66 21.91 -23.70
CA TYR B 67 7.22 23.00 -24.48
C TYR B 67 6.93 24.30 -23.76
N TYR B 68 7.88 25.23 -23.77
CA TYR B 68 7.69 26.46 -23.00
C TYR B 68 8.43 27.60 -23.66
N THR B 69 7.97 28.81 -23.36
CA THR B 69 8.66 30.02 -23.81
C THR B 69 8.26 31.19 -22.94
N GLU B 70 9.20 32.11 -22.72
CA GLU B 70 8.90 33.31 -21.96
C GLU B 70 7.94 34.19 -22.75
N PHE B 71 7.07 34.88 -22.03
CA PHE B 71 6.12 35.78 -22.67
C PHE B 71 5.54 36.73 -21.63
N THR B 72 5.04 37.86 -22.12
CA THR B 72 4.35 38.83 -21.28
C THR B 72 2.91 38.93 -21.74
N PRO B 73 1.96 38.36 -21.00
CA PRO B 73 0.55 38.42 -21.43
C PRO B 73 -0.02 39.82 -21.30
N THR B 74 -0.93 40.14 -22.20
CA THR B 74 -1.66 41.41 -22.18
C THR B 74 -3.16 41.11 -22.27
N GLU B 75 -3.96 42.18 -22.20
CA GLU B 75 -5.41 42.01 -22.24
C GLU B 75 -5.90 41.60 -23.62
N LYS B 76 -5.20 42.02 -24.68
CA LYS B 76 -5.68 41.78 -26.04
C LYS B 76 -4.95 40.64 -26.75
N ASP B 77 -3.73 40.30 -26.34
CA ASP B 77 -2.97 39.28 -27.04
C ASP B 77 -3.58 37.90 -26.82
N GLU B 78 -3.47 37.05 -27.84
CA GLU B 78 -4.01 35.70 -27.83
C GLU B 78 -2.88 34.69 -28.05
N TYR B 79 -2.85 33.66 -27.22
CA TYR B 79 -1.82 32.63 -27.29
C TYR B 79 -2.47 31.26 -27.41
N ALA B 80 -1.80 30.34 -28.09
CA ALA B 80 -2.35 29.02 -28.33
C ALA B 80 -1.21 28.03 -28.57
N CYS B 81 -1.58 26.77 -28.77
CA CYS B 81 -0.63 25.71 -29.03
C CYS B 81 -1.18 24.80 -30.12
N ARG B 82 -0.40 24.60 -31.17
CA ARG B 82 -0.76 23.69 -32.26
C ARG B 82 -0.03 22.37 -32.09
N VAL B 83 -0.76 21.29 -32.07
CA VAL B 83 -0.19 19.96 -31.87
C VAL B 83 -0.59 19.08 -33.05
N ASN B 84 0.40 18.40 -33.63
CA ASN B 84 0.18 17.45 -34.72
C ASN B 84 0.76 16.10 -34.32
N HIS B 85 -0.02 15.05 -34.54
CA HIS B 85 0.35 13.69 -34.17
C HIS B 85 -0.37 12.73 -35.10
N VAL B 86 0.08 11.49 -35.21
CA VAL B 86 -0.54 10.46 -36.08
C VAL B 86 -1.99 10.24 -35.67
N THR B 87 -2.25 10.30 -34.38
CA THR B 87 -3.60 9.99 -33.92
C THR B 87 -4.59 11.10 -34.18
N LEU B 88 -4.13 12.27 -34.64
CA LEU B 88 -4.98 13.42 -34.89
C LEU B 88 -5.18 13.55 -36.40
N SER B 89 -6.42 13.36 -36.85
CA SER B 89 -6.72 13.53 -38.27
C SER B 89 -6.54 14.96 -38.74
N GLN B 90 -6.52 15.89 -37.82
CA GLN B 90 -6.36 17.31 -38.14
C GLN B 90 -5.51 17.93 -37.02
N PRO B 91 -4.44 18.73 -37.27
CA PRO B 91 -3.66 19.35 -36.17
C PRO B 91 -4.55 20.20 -35.27
N LYS B 92 -4.51 19.91 -33.97
CA LYS B 92 -5.41 20.55 -33.02
C LYS B 92 -4.79 21.81 -32.44
N ILE B 93 -5.59 22.88 -32.39
CA ILE B 93 -5.20 24.13 -31.77
C ILE B 93 -5.89 24.20 -30.41
N VAL B 94 -5.11 24.41 -29.36
CA VAL B 94 -5.65 24.59 -28.02
C VAL B 94 -5.33 26.01 -27.60
N LYS B 95 -6.37 26.82 -27.40
CA LYS B 95 -6.21 28.20 -26.99
C LYS B 95 -5.78 28.28 -25.52
N TRP B 96 -5.04 29.34 -25.20
CA TRP B 96 -4.62 29.58 -23.82
C TRP B 96 -5.72 30.35 -23.10
N ASP B 97 -6.21 29.78 -22.00
CA ASP B 97 -7.19 30.41 -21.14
C ASP B 97 -6.53 30.74 -19.80
N ARG B 98 -6.72 31.98 -19.34
CA ARG B 98 -6.05 32.43 -18.12
C ARG B 98 -6.47 31.64 -16.89
N ASP B 99 -7.66 31.03 -16.91
CA ASP B 99 -8.18 30.30 -15.77
C ASP B 99 -8.26 28.79 -16.05
N MET B 100 -7.32 28.26 -16.84
CA MET B 100 -7.28 26.83 -17.09
C MET B 100 -5.84 26.30 -17.16
N PHE C 1 23.29 7.44 -11.21
CA PHE C 1 24.30 6.47 -11.61
C PHE C 1 23.65 5.29 -12.33
N MET C 2 24.02 5.11 -13.59
CA MET C 2 23.43 4.08 -14.43
C MET C 2 24.14 2.76 -14.24
N ASN C 3 23.48 1.69 -14.69
CA ASN C 3 24.06 0.36 -14.59
C ASN C 3 25.21 0.20 -15.57
N LYS C 4 26.34 -0.32 -15.08
CA LYS C 4 27.52 -0.45 -15.92
C LYS C 4 27.32 -1.47 -17.03
N PHE C 5 26.59 -2.54 -16.73
CA PHE C 5 26.36 -3.61 -17.69
C PHE C 5 24.93 -3.54 -18.21
N ILE C 6 24.80 -3.78 -19.55
CA ILE C 6 23.51 -3.71 -20.26
C ILE C 6 23.45 -4.86 -21.26
N TYR C 7 22.60 -5.79 -21.08
CA TYR C 7 22.51 -6.96 -21.97
C TYR C 7 21.41 -6.72 -23.00
N GLU C 8 21.44 -7.48 -24.06
CA GLU C 8 20.52 -7.24 -25.19
C GLU C 8 19.41 -8.27 -25.34
N ILE C 9 18.30 -7.85 -25.91
CA ILE C 9 17.09 -8.69 -26.17
C ILE C 9 17.42 -9.93 -27.01
N PHE D 1 2.45 2.84 16.97
CA PHE D 1 2.35 4.18 17.54
C PHE D 1 0.89 4.54 17.79
N MET D 2 0.55 4.76 19.06
CA MET D 2 -0.83 5.03 19.42
C MET D 2 -1.15 6.52 19.32
N ASN D 3 -2.45 6.81 19.33
CA ASN D 3 -2.90 8.19 19.28
C ASN D 3 -2.61 8.88 20.61
N LYS D 4 -2.02 10.07 20.54
CA LYS D 4 -1.63 10.77 21.77
C LYS D 4 -2.85 11.24 22.55
N PHE D 5 -3.90 11.68 21.86
CA PHE D 5 -5.09 12.21 22.51
C PHE D 5 -6.22 11.20 22.41
N ILE D 6 -6.99 11.09 23.50
CA ILE D 6 -8.12 10.16 23.55
C ILE D 6 -9.22 10.79 24.39
N TYR D 7 -10.33 11.06 23.83
CA TYR D 7 -11.45 11.71 24.50
C TYR D 7 -12.38 10.66 25.07
N GLU D 8 -13.22 11.04 25.95
CA GLU D 8 -14.07 10.14 26.69
C GLU D 8 -15.51 10.26 26.18
N ILE D 9 -16.27 9.21 26.46
CA ILE D 9 -17.65 9.05 25.94
C ILE D 9 -18.69 9.74 26.81
N GLY E 2 1.83 -5.59 -0.80
CA GLY E 2 0.40 -5.86 -0.73
C GLY E 2 -0.31 -4.95 0.27
N SER E 3 -1.54 -5.31 0.64
CA SER E 3 -2.28 -4.54 1.63
C SER E 3 -1.71 -4.78 3.01
N HIS E 4 -1.29 -3.72 3.69
CA HIS E 4 -0.81 -3.82 5.05
C HIS E 4 -1.68 -2.98 5.98
N SER E 5 -1.59 -3.25 7.28
CA SER E 5 -2.48 -2.60 8.23
C SER E 5 -1.84 -2.53 9.60
N MET E 6 -2.10 -1.44 10.31
CA MET E 6 -1.72 -1.30 11.71
C MET E 6 -2.98 -1.12 12.53
N ARG E 7 -3.14 -1.95 13.56
CA ARG E 7 -4.36 -1.96 14.36
C ARG E 7 -4.00 -2.05 15.84
N TYR E 8 -4.79 -1.37 16.67
CA TYR E 8 -4.64 -1.41 18.12
C TYR E 8 -5.97 -1.83 18.73
N PHE E 9 -5.90 -2.80 19.64
CA PHE E 9 -7.03 -3.34 20.37
C PHE E 9 -6.89 -3.03 21.86
N PHE E 10 -7.99 -2.59 22.47
CA PHE E 10 -8.02 -2.22 23.87
C PHE E 10 -9.25 -2.85 24.52
N THR E 11 -9.04 -3.50 25.66
CA THR E 11 -10.11 -4.15 26.40
C THR E 11 -10.03 -3.73 27.86
N SER E 12 -11.12 -3.18 28.36
CA SER E 12 -11.25 -2.81 29.80
C SER E 12 -12.36 -3.64 30.43
N VAL E 13 -12.06 -4.45 31.45
CA VAL E 13 -13.03 -5.30 32.13
C VAL E 13 -13.12 -4.82 33.56
N SER E 14 -14.28 -4.29 33.95
CA SER E 14 -14.47 -3.83 35.32
C SER E 14 -14.46 -5.02 36.27
N ARG E 15 -13.85 -4.81 37.44
CA ARG E 15 -13.82 -5.81 38.51
C ARG E 15 -14.46 -5.17 39.74
N PRO E 16 -15.79 -5.16 39.81
CA PRO E 16 -16.45 -4.51 40.94
C PRO E 16 -16.10 -5.19 42.26
N GLY E 17 -15.67 -4.38 43.22
CA GLY E 17 -15.29 -4.91 44.51
C GLY E 17 -14.06 -5.80 44.51
N ARG E 18 -13.20 -5.69 43.48
CA ARG E 18 -11.98 -6.55 43.35
C ARG E 18 -10.77 -5.74 42.88
N GLY E 19 -10.90 -4.44 42.67
CA GLY E 19 -9.75 -3.62 42.39
C GLY E 19 -9.93 -2.85 41.10
N GLU E 20 -8.79 -2.42 40.60
CA GLU E 20 -8.76 -1.62 39.38
C GLU E 20 -9.34 -2.43 38.22
N PRO E 21 -9.90 -1.81 37.16
CA PRO E 21 -10.31 -2.57 35.98
C PRO E 21 -9.11 -3.17 35.28
N ARG E 22 -9.33 -4.34 34.69
CA ARG E 22 -8.32 -5.02 33.89
C ARG E 22 -8.23 -4.34 32.53
N PHE E 23 -7.09 -3.74 32.21
CA PHE E 23 -6.88 -3.07 30.94
C PHE E 23 -5.81 -3.79 30.13
N ILE E 24 -6.15 -4.17 28.91
CA ILE E 24 -5.23 -4.87 28.02
C ILE E 24 -5.18 -4.14 26.68
N ALA E 25 -3.97 -3.85 26.22
CA ALA E 25 -3.74 -3.19 24.94
C ALA E 25 -2.79 -4.03 24.11
N VAL E 26 -3.14 -4.27 22.86
CA VAL E 26 -2.27 -4.99 21.94
C VAL E 26 -2.19 -4.24 20.63
N GLY E 27 -1.05 -4.36 19.97
CA GLY E 27 -0.84 -3.74 18.69
C GLY E 27 -0.39 -4.74 17.65
N TYR E 28 -1.01 -4.71 16.49
CA TYR E 28 -0.72 -5.61 15.39
C TYR E 28 -0.29 -4.79 14.17
N VAL E 29 0.76 -5.25 13.51
CA VAL E 29 1.05 -4.89 12.13
C VAL E 29 0.76 -6.14 11.31
N ASP E 30 -0.26 -6.04 10.44
CA ASP E 30 -0.79 -7.17 9.69
C ASP E 30 -1.19 -8.25 10.67
N ASP E 31 -0.66 -9.47 10.57
CA ASP E 31 -0.98 -10.55 11.50
C ASP E 31 0.14 -10.78 12.50
N THR E 32 0.90 -9.74 12.84
CA THR E 32 2.04 -9.84 13.74
C THR E 32 1.83 -8.89 14.91
N GLN E 33 1.74 -9.45 16.11
CA GLN E 33 1.68 -8.64 17.31
C GLN E 33 3.06 -8.09 17.64
N PHE E 34 3.13 -6.82 18.01
CA PHE E 34 4.45 -6.24 18.25
C PHE E 34 4.56 -5.48 19.56
N VAL E 35 3.44 -4.95 20.07
CA VAL E 35 3.43 -4.25 21.35
C VAL E 35 2.28 -4.78 22.20
N ARG E 36 2.44 -4.63 23.51
CA ARG E 36 1.47 -5.17 24.45
C ARG E 36 1.54 -4.42 25.77
N PHE E 37 0.38 -4.14 26.36
CA PHE E 37 0.29 -3.66 27.73
C PHE E 37 -0.78 -4.47 28.47
N ASP E 38 -0.45 -4.98 29.65
CA ASP E 38 -1.44 -5.64 30.53
C ASP E 38 -1.35 -4.99 31.91
N SER E 39 -2.46 -4.54 32.48
CA SER E 39 -2.49 -3.89 33.81
C SER E 39 -2.06 -4.83 34.90
N ASP E 40 -2.21 -6.14 34.70
CA ASP E 40 -1.83 -7.14 35.69
C ASP E 40 -0.40 -7.64 35.52
N ALA E 41 0.34 -7.13 34.54
CA ALA E 41 1.74 -7.47 34.41
C ALA E 41 2.58 -6.65 35.38
N ALA E 42 3.80 -7.11 35.62
CA ALA E 42 4.65 -6.49 36.64
C ALA E 42 5.31 -5.21 36.16
N SER E 43 5.60 -5.10 34.86
CA SER E 43 6.39 -3.96 34.38
C SER E 43 5.57 -2.67 34.38
N GLN E 44 4.26 -2.75 34.13
CA GLN E 44 3.39 -1.58 34.01
C GLN E 44 3.91 -0.63 32.93
N ARG E 45 4.53 -1.18 31.89
CA ARG E 45 5.04 -0.43 30.76
C ARG E 45 4.59 -1.11 29.48
N MET E 46 4.77 -0.42 28.36
CA MET E 46 4.50 -1.03 27.05
C MET E 46 5.62 -2.02 26.74
N GLU E 47 5.25 -3.28 26.56
CA GLU E 47 6.31 -4.27 26.33
C GLU E 47 6.38 -4.66 24.86
N PRO E 48 7.57 -4.97 24.37
CA PRO E 48 7.70 -5.43 22.98
C PRO E 48 7.29 -6.88 22.83
N ARG E 49 6.78 -7.20 21.63
CA ARG E 49 6.41 -8.56 21.27
C ARG E 49 7.01 -8.99 19.94
N ALA E 50 7.81 -8.13 19.36
CA ALA E 50 8.48 -8.43 18.08
C ALA E 50 9.94 -8.08 18.26
N PRO E 51 10.87 -8.67 17.51
CA PRO E 51 12.26 -8.26 17.61
C PRO E 51 12.58 -6.94 16.92
N TRP E 52 11.66 -6.57 15.94
CA TRP E 52 11.99 -5.36 15.15
C TRP E 52 11.57 -4.15 15.94
N ILE E 53 10.82 -4.34 16.96
CA ILE E 53 10.33 -3.16 17.67
C ILE E 53 11.17 -2.84 18.91
N GLU E 54 11.90 -3.82 19.45
CA GLU E 54 12.77 -3.63 20.64
C GLU E 54 13.88 -2.63 20.33
N GLN E 55 14.25 -2.52 19.06
CA GLN E 55 15.34 -1.64 18.68
C GLN E 55 14.98 -0.17 18.81
N GLU E 56 13.76 0.11 19.22
CA GLU E 56 13.31 1.50 19.39
C GLU E 56 13.93 2.06 20.66
N GLY E 57 14.19 3.36 20.70
CA GLY E 57 14.85 3.96 21.81
C GLY E 57 13.96 4.06 23.03
N PRO E 58 14.54 4.52 24.15
CA PRO E 58 13.73 4.69 25.36
C PRO E 58 12.63 5.72 25.21
N GLU E 59 12.79 6.67 24.31
CA GLU E 59 11.76 7.71 24.08
C GLU E 59 10.51 7.05 23.56
N TYR E 60 10.67 6.11 22.66
CA TYR E 60 9.52 5.43 22.08
C TYR E 60 8.70 4.73 23.16
N TRP E 61 9.36 3.95 24.02
CA TRP E 61 8.62 3.22 25.04
C TRP E 61 8.06 4.15 26.11
N ASP E 62 8.79 5.22 26.44
CA ASP E 62 8.24 6.20 27.38
C ASP E 62 6.96 6.81 26.85
N GLY E 63 6.97 7.23 25.57
CA GLY E 63 5.77 7.80 24.98
C GLY E 63 4.63 6.81 24.85
N GLU E 64 4.95 5.58 24.46
CA GLU E 64 3.92 4.55 24.33
C GLU E 64 3.28 4.25 25.68
N THR E 65 4.07 4.16 26.73
CA THR E 65 3.53 3.87 28.08
C THR E 65 2.70 5.07 28.53
N ARG E 66 3.13 6.26 28.18
CA ARG E 66 2.44 7.48 28.64
C ARG E 66 1.08 7.55 27.94
N LYS E 67 1.02 7.04 26.72
CA LYS E 67 -0.25 7.06 26.00
C LYS E 67 -1.15 5.91 26.42
N VAL E 68 -0.58 4.74 26.72
CA VAL E 68 -1.42 3.61 27.11
C VAL E 68 -2.01 3.85 28.50
N LYS E 69 -1.36 4.61 29.35
CA LYS E 69 -1.93 4.93 30.69
C LYS E 69 -3.06 5.92 30.50
N ALA E 70 -2.93 6.83 29.56
CA ALA E 70 -4.04 7.71 29.24
C ALA E 70 -5.23 6.93 28.70
N HIS E 71 -4.98 5.96 27.80
CA HIS E 71 -6.05 5.10 27.32
C HIS E 71 -6.72 4.36 28.47
N SER E 72 -5.92 3.83 29.39
CA SER E 72 -6.44 3.11 30.54
C SER E 72 -7.34 3.99 31.39
N GLN E 73 -6.98 5.23 31.59
CA GLN E 73 -7.74 6.11 32.50
C GLN E 73 -8.99 6.60 31.80
N THR E 74 -8.92 6.76 30.48
CA THR E 74 -10.13 7.09 29.73
C THR E 74 -11.13 5.94 29.79
N HIS E 75 -10.65 4.70 29.61
CA HIS E 75 -11.57 3.56 29.67
C HIS E 75 -12.11 3.36 31.08
N ARG E 76 -11.35 3.64 32.11
CA ARG E 76 -11.83 3.54 33.50
C ARG E 76 -12.98 4.53 33.68
N VAL E 77 -12.81 5.76 33.20
CA VAL E 77 -13.89 6.73 33.32
C VAL E 77 -15.10 6.28 32.50
N ASP E 78 -14.85 5.70 31.32
CA ASP E 78 -15.93 5.28 30.44
C ASP E 78 -16.75 4.15 31.05
N LEU E 79 -16.11 3.28 31.82
CA LEU E 79 -16.84 2.19 32.47
C LEU E 79 -17.93 2.74 33.38
N GLY E 80 -17.58 3.73 34.21
CA GLY E 80 -18.58 4.34 35.07
C GLY E 80 -19.60 5.16 34.28
N THR E 81 -19.16 5.86 33.24
CA THR E 81 -20.10 6.62 32.43
C THR E 81 -21.14 5.72 31.79
N LEU E 82 -20.72 4.54 31.30
CA LEU E 82 -21.66 3.61 30.68
C LEU E 82 -22.54 2.92 31.69
N ARG E 83 -22.00 2.56 32.86
CA ARG E 83 -22.84 2.01 33.94
C ARG E 83 -23.90 3.04 34.31
N GLY E 84 -23.60 4.32 34.22
CA GLY E 84 -24.61 5.33 34.47
C GLY E 84 -25.62 5.47 33.34
N TYR E 85 -25.14 5.43 32.09
CA TYR E 85 -26.03 5.62 30.95
C TYR E 85 -27.05 4.50 30.83
N TYR E 86 -26.65 3.26 31.15
CA TYR E 86 -27.52 2.10 31.01
C TYR E 86 -28.16 1.65 32.32
N ASN E 87 -27.98 2.41 33.40
CA ASN E 87 -28.60 2.14 34.72
C ASN E 87 -28.29 0.72 35.15
N GLN E 88 -27.06 0.31 35.00
CA GLN E 88 -26.62 -1.03 35.36
C GLN E 88 -26.15 -1.08 36.80
N SER E 89 -26.03 -2.27 37.36
CA SER E 89 -25.68 -2.41 38.79
C SER E 89 -24.19 -2.17 39.00
N GLU E 90 -23.84 -1.85 40.28
CA GLU E 90 -22.42 -1.64 40.61
C GLU E 90 -21.76 -2.97 40.98
N ALA E 91 -22.49 -4.09 40.94
CA ALA E 91 -21.83 -5.35 41.29
C ALA E 91 -21.56 -6.24 40.08
N GLY E 92 -21.85 -5.77 38.87
CA GLY E 92 -21.66 -6.57 37.66
C GLY E 92 -20.40 -6.15 36.93
N SER E 93 -19.70 -7.14 36.38
CA SER E 93 -18.51 -6.88 35.57
C SER E 93 -18.92 -6.56 34.14
N HIS E 94 -18.42 -5.44 33.62
CA HIS E 94 -18.76 -4.99 32.28
C HIS E 94 -17.49 -4.75 31.47
N THR E 95 -17.65 -4.83 30.15
CA THR E 95 -16.53 -4.82 29.22
C THR E 95 -16.65 -3.66 28.25
N VAL E 96 -15.53 -2.98 28.02
CA VAL E 96 -15.41 -1.94 27.01
C VAL E 96 -14.30 -2.35 26.05
N GLN E 97 -14.55 -2.20 24.75
CA GLN E 97 -13.56 -2.56 23.74
C GLN E 97 -13.40 -1.43 22.74
N ARG E 98 -12.15 -1.14 22.38
CA ARG E 98 -11.83 -0.12 21.40
C ARG E 98 -10.85 -0.70 20.38
N MET E 99 -11.06 -0.41 19.10
CA MET E 99 -10.18 -0.90 18.06
C MET E 99 -10.00 0.20 17.04
N TYR E 100 -8.76 0.63 16.81
CA TYR E 100 -8.55 1.63 15.78
C TYR E 100 -7.28 1.34 15.01
N GLY E 101 -7.25 1.81 13.76
CA GLY E 101 -6.08 1.58 12.94
C GLY E 101 -6.29 2.07 11.52
N CYS E 102 -5.32 1.71 10.69
CA CYS E 102 -5.27 2.16 9.30
C CYS E 102 -4.75 1.04 8.40
N ASP E 103 -5.36 1.03 7.22
CA ASP E 103 -4.92 0.08 6.18
C ASP E 103 -4.29 0.89 5.06
N VAL E 104 -3.21 0.42 4.49
CA VAL E 104 -2.57 0.97 3.30
C VAL E 104 -2.53 -0.12 2.24
N GLY E 105 -2.55 0.30 0.97
CA GLY E 105 -2.58 -0.62 -0.15
C GLY E 105 -1.20 -1.08 -0.56
N SER E 106 -1.14 -1.70 -1.75
CA SER E 106 0.13 -2.22 -2.27
C SER E 106 1.14 -1.11 -2.50
N ASP E 107 0.67 0.11 -2.74
CA ASP E 107 1.55 1.27 -2.90
C ASP E 107 1.92 1.92 -1.57
N TRP E 108 1.53 1.31 -0.45
CA TRP E 108 1.81 1.83 0.89
C TRP E 108 1.23 3.22 1.10
N ARG E 109 0.12 3.48 0.44
CA ARG E 109 -0.58 4.80 0.55
C ARG E 109 -1.90 4.59 1.28
N PHE E 110 -2.34 5.56 2.06
CA PHE E 110 -3.51 5.42 2.92
C PHE E 110 -4.69 4.88 2.11
N LEU E 111 -5.35 3.88 2.67
CA LEU E 111 -6.47 3.23 2.02
C LEU E 111 -7.75 3.29 2.85
N ARG E 112 -7.65 3.07 4.15
CA ARG E 112 -8.85 3.08 4.99
C ARG E 112 -8.46 3.34 6.44
N GLY E 113 -9.26 4.11 7.15
CA GLY E 113 -9.07 4.33 8.57
C GLY E 113 -10.30 3.86 9.33
N TYR E 114 -10.08 3.45 10.59
CA TYR E 114 -11.22 2.99 11.37
C TYR E 114 -10.98 3.19 12.86
N HIS E 115 -12.09 3.39 13.58
CA HIS E 115 -12.10 3.58 15.02
C HIS E 115 -13.46 3.12 15.53
N GLN E 116 -13.51 1.89 16.04
CA GLN E 116 -14.73 1.26 16.54
C GLN E 116 -14.67 1.17 18.06
N TYR E 117 -15.84 1.23 18.68
CA TYR E 117 -15.95 1.21 20.14
C TYR E 117 -17.20 0.43 20.49
N ALA E 118 -17.06 -0.56 21.36
CA ALA E 118 -18.13 -1.45 21.75
C ALA E 118 -18.22 -1.54 23.26
N TYR E 119 -19.43 -1.85 23.74
CA TYR E 119 -19.71 -2.00 25.16
C TYR E 119 -20.46 -3.31 25.37
N ASP E 120 -19.92 -4.17 26.23
CA ASP E 120 -20.47 -5.51 26.48
C ASP E 120 -20.57 -6.31 25.19
N GLY E 121 -19.55 -6.19 24.34
CA GLY E 121 -19.51 -6.95 23.11
C GLY E 121 -20.51 -6.53 22.05
N LYS E 122 -21.23 -5.43 22.28
CA LYS E 122 -22.16 -4.88 21.31
C LYS E 122 -21.61 -3.56 20.78
N ASP E 123 -21.79 -3.31 19.49
CA ASP E 123 -21.34 -2.06 18.90
C ASP E 123 -21.91 -0.87 19.64
N TYR E 124 -21.05 0.08 19.98
CA TYR E 124 -21.47 1.30 20.66
C TYR E 124 -21.38 2.49 19.71
N ILE E 125 -20.17 2.92 19.35
CA ILE E 125 -20.02 4.05 18.42
C ILE E 125 -18.86 3.76 17.49
N ALA E 126 -18.99 4.16 16.23
CA ALA E 126 -17.96 3.85 15.26
C ALA E 126 -17.74 5.03 14.32
N LEU E 127 -16.49 5.28 13.97
CA LEU E 127 -16.19 6.28 12.96
C LEU E 127 -16.54 5.75 11.58
N LYS E 128 -17.26 6.54 10.80
CA LYS E 128 -17.63 6.09 9.46
C LYS E 128 -16.42 6.11 8.54
N GLU E 129 -16.60 5.55 7.34
CA GLU E 129 -15.46 5.42 6.42
C GLU E 129 -14.98 6.79 5.95
N ASP E 130 -15.86 7.78 5.91
CA ASP E 130 -15.44 9.11 5.49
C ASP E 130 -14.59 9.83 6.53
N LEU E 131 -14.39 9.23 7.71
CA LEU E 131 -13.59 9.81 8.78
C LEU E 131 -14.07 11.21 9.17
N ARG E 132 -15.37 11.43 9.10
CA ARG E 132 -15.94 12.74 9.49
C ARG E 132 -17.14 12.57 10.43
N SER E 133 -17.86 11.43 10.12
CA SER E 133 -19.13 11.23 10.83
C SER E 133 -19.07 10.02 11.76
N TRP E 134 -20.09 9.91 12.64
CA TRP E 134 -20.15 8.77 13.54
C TRP E 134 -21.44 7.98 13.33
N THR E 135 -21.34 6.68 13.63
CA THR E 135 -22.47 5.77 13.64
C THR E 135 -22.72 5.37 15.10
N ALA E 136 -23.88 5.74 15.61
CA ALA E 136 -24.28 5.42 16.97
C ALA E 136 -25.21 4.22 16.96
N ALA E 137 -25.17 3.44 18.04
CA ALA E 137 -25.98 2.23 18.13
C ALA E 137 -27.32 2.46 18.82
N ASP E 138 -27.37 3.36 19.79
CA ASP E 138 -28.60 3.65 20.51
C ASP E 138 -28.55 5.10 20.98
N MET E 139 -29.33 5.48 21.95
CA MET E 139 -29.45 6.90 22.35
C MET E 139 -28.39 7.30 23.35
N ALA E 140 -27.67 6.33 23.88
CA ALA E 140 -26.54 6.67 24.77
C ALA E 140 -25.37 6.98 23.88
N ALA E 141 -25.21 6.20 22.83
CA ALA E 141 -24.16 6.45 21.85
C ALA E 141 -24.49 7.71 21.06
N GLN E 142 -25.77 8.06 20.92
CA GLN E 142 -26.03 9.36 20.30
C GLN E 142 -25.61 10.51 21.20
N THR E 143 -25.79 10.37 22.51
CA THR E 143 -25.29 11.36 23.50
C THR E 143 -23.76 11.43 23.39
N THR E 144 -23.08 10.29 23.25
CA THR E 144 -21.64 10.29 23.02
C THR E 144 -21.29 10.94 21.68
N LYS E 145 -22.11 10.67 20.65
CA LYS E 145 -21.86 11.25 19.34
C LYS E 145 -21.92 12.78 19.39
N HIS E 146 -22.88 13.32 20.12
CA HIS E 146 -22.95 14.77 20.27
C HIS E 146 -21.77 15.31 21.07
N LYS E 147 -21.41 14.60 22.15
CA LYS E 147 -20.26 15.02 22.94
C LYS E 147 -18.99 15.06 22.09
N TRP E 148 -18.86 14.13 21.15
CA TRP E 148 -17.66 14.06 20.33
C TRP E 148 -17.73 15.02 19.14
N GLU E 149 -18.92 15.36 18.70
CA GLU E 149 -19.10 16.30 17.56
C GLU E 149 -18.64 17.69 17.98
N ALA E 150 -18.88 18.05 19.21
CA ALA E 150 -18.56 19.38 19.73
C ALA E 150 -17.09 19.51 20.03
N ALA E 151 -16.48 18.42 20.45
CA ALA E 151 -15.06 18.41 20.79
C ALA E 151 -14.27 18.23 19.52
N HIS E 152 -14.94 18.07 18.39
CA HIS E 152 -14.23 17.86 17.13
C HIS E 152 -13.27 16.67 17.22
N VAL E 153 -13.80 15.56 17.74
CA VAL E 153 -13.01 14.35 17.92
C VAL E 153 -12.64 13.76 16.57
N ALA E 154 -13.57 13.76 15.62
CA ALA E 154 -13.34 13.09 14.34
C ALA E 154 -12.21 13.73 13.55
N GLU E 155 -12.02 15.05 13.69
CA GLU E 155 -10.95 15.71 12.97
C GLU E 155 -9.58 15.28 13.49
N GLN E 156 -9.42 15.23 14.81
CA GLN E 156 -8.17 14.75 15.39
C GLN E 156 -7.93 13.28 15.03
N LEU E 157 -9.00 12.48 15.01
CA LEU E 157 -8.86 11.09 14.61
C LEU E 157 -8.43 10.96 13.16
N ARG E 158 -8.95 11.81 12.29
CA ARG E 158 -8.54 11.79 10.89
C ARG E 158 -7.08 12.18 10.75
N ALA E 159 -6.65 13.22 11.48
CA ALA E 159 -5.26 13.62 11.46
C ALA E 159 -4.34 12.48 11.91
N TYR E 160 -4.79 11.70 12.89
CA TYR E 160 -3.97 10.57 13.33
C TYR E 160 -3.98 9.44 12.30
N LEU E 161 -5.16 9.02 11.85
CA LEU E 161 -5.27 7.84 11.00
C LEU E 161 -4.67 8.06 9.62
N GLU E 162 -4.80 9.27 9.06
CA GLU E 162 -4.25 9.54 7.74
C GLU E 162 -2.80 9.98 7.77
N GLY E 163 -2.29 10.41 8.91
CA GLY E 163 -0.92 10.89 8.99
C GLY E 163 -0.02 10.04 9.85
N THR E 164 -0.23 10.17 11.19
CA THR E 164 0.62 9.49 12.19
C THR E 164 0.55 7.96 12.03
N CYS E 165 -0.63 7.39 11.80
CA CYS E 165 -0.80 5.95 11.66
C CYS E 165 -0.07 5.43 10.42
N VAL E 166 -0.25 6.11 9.28
CA VAL E 166 0.34 5.63 8.03
C VAL E 166 1.87 5.75 8.08
N GLU E 167 2.38 6.81 8.67
CA GLU E 167 3.84 7.02 8.67
C GLU E 167 4.51 6.03 9.61
N TRP E 168 3.91 5.77 10.75
CA TRP E 168 4.50 4.78 11.65
C TRP E 168 4.31 3.37 11.13
N LEU E 169 3.23 3.10 10.40
CA LEU E 169 3.07 1.81 9.75
C LEU E 169 4.17 1.58 8.72
N ARG E 170 4.47 2.60 7.91
CA ARG E 170 5.55 2.47 6.94
C ARG E 170 6.89 2.28 7.64
N ARG E 171 7.22 3.03 8.68
CA ARG E 171 8.46 2.80 9.46
C ARG E 171 8.50 1.35 9.99
N TYR E 172 7.40 0.86 10.55
CA TYR E 172 7.43 -0.51 11.04
C TYR E 172 7.69 -1.51 9.91
N LEU E 173 7.02 -1.33 8.77
CA LEU E 173 7.22 -2.23 7.64
C LEU E 173 8.67 -2.20 7.17
N GLU E 174 9.29 -1.03 7.21
CA GLU E 174 10.69 -0.93 6.77
C GLU E 174 11.64 -1.53 7.81
N ASN E 175 11.42 -1.25 9.09
CA ASN E 175 12.33 -1.75 10.12
C ASN E 175 12.18 -3.25 10.35
N GLY E 176 10.98 -3.79 10.13
CA GLY E 176 10.77 -5.20 10.36
C GLY E 176 10.42 -5.96 9.09
N LYS E 177 11.09 -5.62 7.99
CA LYS E 177 10.75 -6.23 6.71
C LYS E 177 11.07 -7.72 6.68
N GLU E 178 11.94 -8.22 7.53
CA GLU E 178 12.33 -9.63 7.47
C GLU E 178 11.17 -10.49 7.96
N THR E 179 10.31 -9.94 8.81
CA THR E 179 9.13 -10.65 9.27
C THR E 179 7.82 -10.07 8.73
N LEU E 180 7.75 -8.76 8.50
CA LEU E 180 6.50 -8.14 8.08
C LEU E 180 6.29 -8.19 6.58
N GLN E 181 7.34 -7.99 5.80
CA GLN E 181 7.25 -8.01 4.34
C GLN E 181 7.53 -9.39 3.75
N ARG E 182 7.54 -10.43 4.57
CA ARG E 182 7.79 -11.77 4.08
C ARG E 182 6.49 -12.43 3.62
N THR E 183 6.64 -13.47 2.81
CA THR E 183 5.51 -14.27 2.36
C THR E 183 5.92 -15.74 2.46
N ASP E 184 5.54 -16.39 3.55
CA ASP E 184 5.84 -17.80 3.76
C ASP E 184 4.77 -18.63 3.07
N ALA E 185 5.14 -19.30 1.98
CA ALA E 185 4.20 -20.19 1.32
C ALA E 185 3.88 -21.36 2.23
N PRO E 186 2.64 -21.86 2.22
CA PRO E 186 2.28 -22.95 3.13
C PRO E 186 2.91 -24.27 2.72
N LYS E 187 3.43 -24.98 3.71
CA LYS E 187 3.81 -26.39 3.54
C LYS E 187 2.53 -27.21 3.60
N THR E 188 2.25 -27.97 2.54
CA THR E 188 0.98 -28.66 2.42
C THR E 188 1.21 -30.16 2.42
N HIS E 189 0.29 -30.89 3.03
CA HIS E 189 0.32 -32.34 2.91
C HIS E 189 -1.05 -32.92 3.26
N MET E 190 -1.27 -34.15 2.82
CA MET E 190 -2.57 -34.79 2.96
C MET E 190 -2.44 -36.06 3.79
N THR E 191 -3.38 -36.24 4.72
CA THR E 191 -3.42 -37.42 5.56
C THR E 191 -4.74 -38.16 5.33
N HIS E 192 -4.71 -39.46 5.59
CA HIS E 192 -5.83 -40.34 5.30
C HIS E 192 -6.04 -41.26 6.49
N HIS E 193 -7.22 -41.15 7.10
CA HIS E 193 -7.57 -42.00 8.25
C HIS E 193 -8.78 -42.86 7.91
N ALA E 194 -8.86 -44.03 8.51
CA ALA E 194 -9.95 -44.97 8.27
C ALA E 194 -10.91 -44.89 9.45
N VAL E 195 -12.04 -44.18 9.25
CA VAL E 195 -13.06 -44.09 10.29
C VAL E 195 -13.96 -45.32 10.32
N SER E 196 -14.03 -46.08 9.23
CA SER E 196 -14.77 -47.34 9.19
C SER E 196 -14.25 -48.15 8.00
N ASP E 197 -14.98 -49.18 7.60
CA ASP E 197 -14.49 -50.04 6.50
C ASP E 197 -15.13 -49.55 5.20
N HIS E 198 -16.13 -48.69 5.31
CA HIS E 198 -16.71 -48.10 4.10
C HIS E 198 -16.51 -46.60 4.02
N GLU E 199 -15.90 -46.03 5.04
CA GLU E 199 -15.72 -44.57 5.08
C GLU E 199 -14.31 -44.25 5.50
N ALA E 200 -13.84 -43.08 5.08
CA ALA E 200 -12.49 -42.66 5.40
C ALA E 200 -12.48 -41.14 5.50
N THR E 201 -11.47 -40.60 6.16
CA THR E 201 -11.30 -39.16 6.29
C THR E 201 -10.05 -38.72 5.53
N LEU E 202 -10.22 -37.76 4.63
CA LEU E 202 -9.12 -37.13 3.90
C LEU E 202 -8.94 -35.73 4.45
N ARG E 203 -7.79 -35.48 5.08
CA ARG E 203 -7.50 -34.18 5.64
C ARG E 203 -6.37 -33.53 4.87
N CYS E 204 -6.54 -32.25 4.56
CA CYS E 204 -5.60 -31.47 3.77
C CYS E 204 -5.06 -30.36 4.66
N TRP E 205 -3.74 -30.36 4.88
CA TRP E 205 -3.07 -29.49 5.83
C TRP E 205 -2.25 -28.44 5.09
N ALA E 206 -2.31 -27.21 5.63
CA ALA E 206 -1.44 -26.11 5.24
C ALA E 206 -0.81 -25.56 6.51
N LEU E 207 0.52 -25.59 6.58
CA LEU E 207 1.24 -25.24 7.79
C LEU E 207 2.29 -24.18 7.51
N SER E 208 2.58 -23.36 8.51
CA SER E 208 3.73 -22.46 8.49
C SER E 208 3.62 -21.43 7.37
N PHE E 209 2.45 -20.80 7.25
CA PHE E 209 2.23 -19.80 6.22
C PHE E 209 1.98 -18.44 6.86
N TYR E 210 2.33 -17.38 6.12
CA TYR E 210 2.16 -16.00 6.54
C TYR E 210 1.99 -15.17 5.27
N PRO E 211 1.01 -14.25 5.23
CA PRO E 211 0.07 -13.96 6.31
C PRO E 211 -1.02 -15.02 6.47
N ALA E 212 -1.96 -14.77 7.39
CA ALA E 212 -2.95 -15.77 7.77
C ALA E 212 -4.02 -15.99 6.71
N GLU E 213 -4.15 -15.10 5.73
CA GLU E 213 -5.21 -15.26 4.72
C GLU E 213 -4.88 -16.42 3.80
N ILE E 214 -5.78 -17.40 3.74
CA ILE E 214 -5.57 -18.60 2.92
C ILE E 214 -6.94 -19.20 2.63
N THR E 215 -7.01 -20.00 1.56
CA THR E 215 -8.24 -20.69 1.18
C THR E 215 -7.94 -22.14 0.87
N LEU E 216 -8.56 -23.05 1.62
CA LEU E 216 -8.49 -24.49 1.38
C LEU E 216 -9.86 -24.99 0.98
N THR E 217 -9.91 -25.54 -0.26
CA THR E 217 -11.16 -26.04 -0.82
C THR E 217 -11.04 -27.51 -1.20
N TRP E 218 -12.07 -28.32 -0.84
CA TRP E 218 -12.12 -29.66 -1.37
C TRP E 218 -13.07 -29.71 -2.57
N GLN E 219 -12.72 -30.53 -3.56
CA GLN E 219 -13.56 -30.73 -4.73
C GLN E 219 -13.65 -32.21 -5.02
N ARG E 220 -14.85 -32.68 -5.37
CA ARG E 220 -15.06 -34.05 -5.80
C ARG E 220 -15.49 -34.01 -7.27
N ASP E 221 -14.62 -34.51 -8.14
CA ASP E 221 -14.84 -34.49 -9.59
C ASP E 221 -15.04 -33.07 -10.12
N GLY E 222 -14.51 -32.08 -9.41
CA GLY E 222 -14.60 -30.70 -9.81
C GLY E 222 -15.65 -29.88 -9.09
N GLU E 223 -16.69 -30.52 -8.55
CA GLU E 223 -17.73 -29.78 -7.86
C GLU E 223 -17.32 -29.48 -6.42
N ASP E 224 -17.62 -28.33 -5.92
CA ASP E 224 -17.27 -27.85 -4.58
C ASP E 224 -17.94 -28.69 -3.51
N GLN E 225 -17.30 -28.87 -2.41
CA GLN E 225 -17.70 -29.75 -1.32
C GLN E 225 -17.69 -29.04 0.03
N THR E 226 -17.90 -27.75 0.04
CA THR E 226 -17.85 -26.96 1.28
C THR E 226 -18.88 -27.44 2.28
N GLN E 227 -20.06 -27.85 1.81
CA GLN E 227 -21.10 -28.30 2.73
C GLN E 227 -20.67 -29.55 3.49
N ASP E 228 -19.89 -30.42 2.85
CA ASP E 228 -19.40 -31.63 3.49
C ASP E 228 -17.93 -31.53 3.88
N THR E 229 -17.45 -30.31 4.12
CA THR E 229 -16.06 -30.06 4.46
C THR E 229 -15.95 -29.55 5.89
N GLU E 230 -15.22 -30.29 6.72
CA GLU E 230 -14.89 -29.84 8.06
C GLU E 230 -13.70 -28.89 7.94
N LEU E 231 -13.97 -27.59 8.00
CA LEU E 231 -12.97 -26.56 7.88
C LEU E 231 -12.79 -25.90 9.25
N VAL E 232 -11.54 -25.83 9.66
CA VAL E 232 -11.23 -25.26 11.00
C VAL E 232 -10.84 -23.81 10.81
N GLU E 233 -10.93 -23.03 11.86
CA GLU E 233 -10.55 -21.62 11.80
C GLU E 233 -9.04 -21.55 11.68
N THR E 234 -8.53 -20.52 11.03
CA THR E 234 -7.08 -20.38 10.93
C THR E 234 -6.47 -20.14 12.30
N ARG E 235 -5.53 -20.98 12.61
CA ARG E 235 -4.96 -21.02 13.96
C ARG E 235 -3.52 -20.49 14.00
N PRO E 236 -3.06 -19.79 15.04
CA PRO E 236 -1.66 -19.40 15.16
C PRO E 236 -0.81 -20.59 15.59
N ALA E 237 0.36 -20.72 14.96
CA ALA E 237 1.27 -21.80 15.34
C ALA E 237 2.09 -21.47 16.57
N GLY E 238 2.29 -20.18 16.87
CA GLY E 238 3.05 -19.75 18.01
C GLY E 238 4.39 -19.14 17.67
N ASP E 239 4.89 -19.37 16.46
CA ASP E 239 6.17 -18.83 16.02
C ASP E 239 6.01 -17.76 14.94
N GLY E 240 4.83 -17.15 14.86
CA GLY E 240 4.59 -16.14 13.85
C GLY E 240 4.01 -16.66 12.55
N THR E 241 3.79 -17.95 12.44
CA THR E 241 3.15 -18.55 11.27
C THR E 241 1.77 -19.07 11.66
N PHE E 242 1.05 -19.58 10.67
CA PHE E 242 -0.33 -20.02 10.89
C PHE E 242 -0.53 -21.40 10.28
N GLN E 243 -1.61 -22.05 10.73
CA GLN E 243 -1.98 -23.38 10.30
C GLN E 243 -3.45 -23.41 9.91
N LYS E 244 -3.80 -24.39 9.10
CA LYS E 244 -5.19 -24.62 8.73
C LYS E 244 -5.32 -26.00 8.11
N TRP E 245 -6.51 -26.58 8.20
CA TRP E 245 -6.76 -27.83 7.50
C TRP E 245 -8.24 -27.94 7.16
N ALA E 246 -8.51 -28.77 6.14
CA ALA E 246 -9.86 -29.06 5.68
C ALA E 246 -10.01 -30.56 5.50
N ALA E 247 -11.07 -31.13 6.06
CA ALA E 247 -11.29 -32.56 6.01
C ALA E 247 -12.59 -32.89 5.28
N VAL E 248 -12.61 -34.07 4.67
CA VAL E 248 -13.80 -34.58 3.98
C VAL E 248 -13.94 -36.06 4.29
N VAL E 249 -15.19 -36.52 4.35
CA VAL E 249 -15.50 -37.93 4.54
C VAL E 249 -15.70 -38.56 3.17
N VAL E 250 -14.79 -39.43 2.79
CA VAL E 250 -14.75 -40.04 1.47
C VAL E 250 -15.23 -41.48 1.58
N PRO E 251 -16.14 -41.93 0.73
CA PRO E 251 -16.43 -43.37 0.66
C PRO E 251 -15.21 -44.13 0.19
N SER E 252 -14.94 -45.25 0.86
CA SER E 252 -13.73 -46.03 0.57
C SER E 252 -13.71 -46.45 -0.89
N GLY E 253 -12.66 -46.04 -1.59
CA GLY E 253 -12.52 -46.29 -3.01
C GLY E 253 -12.69 -45.07 -3.89
N GLN E 254 -13.06 -43.93 -3.31
CA GLN E 254 -13.29 -42.72 -4.08
C GLN E 254 -12.24 -41.65 -3.81
N GLU E 255 -11.11 -42.05 -3.28
CA GLU E 255 -10.09 -41.06 -2.88
C GLU E 255 -9.53 -40.32 -4.10
N GLN E 256 -9.42 -40.82 -5.22
CA GLN E 256 -8.84 -40.18 -6.41
C GLN E 256 -9.82 -39.20 -7.02
N ARG E 257 -11.12 -39.29 -6.58
CA ARG E 257 -12.07 -38.30 -7.06
C ARG E 257 -11.89 -36.95 -6.39
N TYR E 258 -11.23 -36.90 -5.24
CA TYR E 258 -11.12 -35.68 -4.45
C TYR E 258 -9.80 -34.98 -4.70
N THR E 259 -9.89 -33.66 -4.80
CA THR E 259 -8.73 -32.77 -5.06
C THR E 259 -8.79 -31.60 -4.10
N CYS E 260 -7.75 -31.38 -3.31
CA CYS E 260 -7.67 -30.24 -2.40
C CYS E 260 -6.98 -29.09 -3.12
N HIS E 261 -7.50 -27.88 -2.90
CA HIS E 261 -6.99 -26.68 -3.55
C HIS E 261 -6.57 -25.67 -2.50
N VAL E 262 -5.36 -25.17 -2.66
CA VAL E 262 -4.74 -24.26 -1.67
C VAL E 262 -4.40 -22.94 -2.36
N GLN E 263 -4.97 -21.85 -1.88
CA GLN E 263 -4.74 -20.52 -2.42
C GLN E 263 -4.15 -19.64 -1.32
N HIS E 264 -2.97 -19.09 -1.58
CA HIS E 264 -2.27 -18.25 -0.61
C HIS E 264 -1.47 -17.21 -1.36
N GLU E 265 -1.13 -16.08 -0.75
CA GLU E 265 -0.28 -15.03 -1.35
C GLU E 265 1.08 -15.58 -1.74
N GLY E 266 1.64 -16.48 -0.94
CA GLY E 266 2.95 -17.00 -1.25
C GLY E 266 3.00 -18.00 -2.38
N LEU E 267 1.84 -18.42 -2.90
CA LEU E 267 1.79 -19.37 -3.99
C LEU E 267 1.50 -18.63 -5.28
N PRO E 268 2.40 -18.65 -6.27
CA PRO E 268 2.09 -17.98 -7.54
C PRO E 268 0.92 -18.60 -8.28
N LYS E 269 0.75 -19.92 -8.18
CA LYS E 269 -0.41 -20.62 -8.72
C LYS E 269 -1.00 -21.50 -7.63
N PRO E 270 -2.33 -21.63 -7.58
CA PRO E 270 -2.95 -22.42 -6.52
C PRO E 270 -2.52 -23.88 -6.58
N LEU E 271 -2.15 -24.42 -5.42
CA LEU E 271 -1.68 -25.81 -5.35
C LEU E 271 -2.85 -26.76 -5.39
N THR E 272 -2.66 -27.84 -6.17
CA THR E 272 -3.71 -28.87 -6.36
C THR E 272 -3.19 -30.21 -5.83
N LEU E 273 -3.79 -30.58 -4.62
CA LEU E 273 -3.33 -31.78 -3.93
C LEU E 273 -4.28 -32.93 -4.23
N ARG E 274 -3.78 -34.14 -4.36
CA ARG E 274 -4.60 -35.32 -4.65
C ARG E 274 -4.01 -36.48 -3.86
N TRP E 275 -4.84 -37.30 -3.27
CA TRP E 275 -4.38 -38.52 -2.60
C TRP E 275 -4.12 -39.64 -3.59
N GLU E 276 -5.05 -39.89 -4.50
CA GLU E 276 -4.99 -41.01 -5.47
C GLU E 276 -5.41 -42.32 -4.79
N MET F 1 -26.19 -10.17 29.25
CA MET F 1 -25.56 -9.53 28.11
C MET F 1 -25.10 -10.57 27.11
N ILE F 2 -24.28 -10.14 26.14
CA ILE F 2 -23.80 -11.05 25.10
C ILE F 2 -22.92 -12.12 25.74
N GLN F 3 -23.19 -13.38 25.38
CA GLN F 3 -22.38 -14.50 25.82
C GLN F 3 -22.17 -15.42 24.63
N ARG F 4 -20.90 -15.60 24.24
CA ARG F 4 -20.56 -16.47 23.12
C ARG F 4 -19.68 -17.61 23.62
N THR F 5 -19.92 -18.80 23.07
CA THR F 5 -19.21 -20.00 23.48
C THR F 5 -17.84 -20.07 22.82
N PRO F 6 -16.79 -20.41 23.57
CA PRO F 6 -15.45 -20.47 22.97
C PRO F 6 -15.28 -21.70 22.09
N LYS F 7 -14.74 -21.45 20.91
CA LYS F 7 -14.32 -22.54 20.02
C LYS F 7 -12.92 -22.91 20.52
N ILE F 8 -12.61 -24.19 20.62
CA ILE F 8 -11.35 -24.67 21.16
C ILE F 8 -10.65 -25.53 20.12
N GLN F 9 -9.36 -25.30 19.94
CA GLN F 9 -8.52 -26.16 19.08
C GLN F 9 -7.26 -26.51 19.85
N VAL F 10 -7.01 -27.81 20.02
CA VAL F 10 -5.80 -28.30 20.67
C VAL F 10 -4.92 -28.91 19.59
N TYR F 11 -3.68 -28.45 19.50
CA TYR F 11 -2.80 -28.88 18.42
C TYR F 11 -1.36 -28.68 18.84
N SER F 12 -0.46 -29.02 17.93
CA SER F 12 0.97 -28.81 18.13
C SER F 12 1.49 -27.84 17.08
N ARG F 13 2.56 -27.12 17.45
CA ARG F 13 3.17 -26.17 16.53
C ARG F 13 3.72 -26.88 15.30
N HIS F 14 4.38 -28.01 15.49
CA HIS F 14 4.95 -28.81 14.41
C HIS F 14 4.24 -30.15 14.34
N PRO F 15 4.32 -30.85 13.22
CA PRO F 15 3.76 -32.21 13.14
C PRO F 15 4.35 -33.10 14.23
N ALA F 16 3.45 -33.83 14.91
CA ALA F 16 3.85 -34.61 16.07
C ALA F 16 4.80 -35.73 15.67
N GLU F 17 5.94 -35.77 16.37
CA GLU F 17 6.94 -36.83 16.17
C GLU F 17 7.39 -37.25 17.57
N ASN F 18 7.32 -38.55 17.88
CA ASN F 18 7.65 -39.02 19.21
C ASN F 18 9.13 -38.77 19.51
N GLY F 19 9.41 -38.26 20.71
CA GLY F 19 10.75 -38.03 21.16
C GLY F 19 11.33 -36.66 20.81
N LYS F 20 10.67 -35.90 19.94
CA LYS F 20 11.18 -34.62 19.48
C LYS F 20 10.40 -33.48 20.13
N SER F 21 11.12 -32.43 20.52
CA SER F 21 10.52 -31.30 21.22
C SER F 21 9.54 -30.56 20.31
N ASN F 22 8.53 -29.95 20.94
CA ASN F 22 7.47 -29.29 20.20
C ASN F 22 6.74 -28.37 21.19
N PHE F 23 5.70 -27.70 20.69
CA PHE F 23 4.85 -26.85 21.50
C PHE F 23 3.40 -27.34 21.41
N LEU F 24 2.76 -27.50 22.56
CA LEU F 24 1.34 -27.79 22.62
C LEU F 24 0.58 -26.49 22.76
N ASN F 25 -0.41 -26.32 21.89
CA ASN F 25 -1.19 -25.07 21.79
C ASN F 25 -2.68 -25.32 22.01
N CYS F 26 -3.32 -24.52 22.83
CA CYS F 26 -4.77 -24.49 22.99
C CYS F 26 -5.25 -23.11 22.57
N TYR F 27 -5.97 -23.05 21.45
CA TYR F 27 -6.44 -21.81 20.86
C TYR F 27 -7.93 -21.71 21.13
N VAL F 28 -8.31 -20.78 22.01
CA VAL F 28 -9.71 -20.50 22.32
C VAL F 28 -10.10 -19.21 21.62
N SER F 29 -11.25 -19.20 20.97
CA SER F 29 -11.61 -18.05 20.17
C SER F 29 -13.12 -17.90 20.14
N GLY F 30 -13.56 -16.67 19.84
CA GLY F 30 -14.98 -16.44 19.68
C GLY F 30 -15.77 -16.45 20.96
N PHE F 31 -15.14 -16.18 22.10
CA PHE F 31 -15.84 -16.18 23.37
C PHE F 31 -16.10 -14.76 23.85
N HIS F 32 -17.07 -14.63 24.75
CA HIS F 32 -17.44 -13.39 25.38
C HIS F 32 -18.34 -13.71 26.58
N PRO F 33 -18.12 -13.07 27.75
CA PRO F 33 -17.07 -12.08 27.98
C PRO F 33 -15.68 -12.70 28.10
N SER F 34 -14.70 -11.86 28.44
CA SER F 34 -13.30 -12.27 28.43
C SER F 34 -12.91 -13.18 29.59
N ASP F 35 -13.77 -13.32 30.60
CA ASP F 35 -13.45 -14.15 31.76
C ASP F 35 -13.43 -15.61 31.32
N ILE F 36 -12.24 -16.21 31.31
CA ILE F 36 -12.07 -17.56 30.81
C ILE F 36 -10.95 -18.22 31.60
N GLU F 37 -11.03 -19.54 31.73
CA GLU F 37 -10.00 -20.32 32.42
C GLU F 37 -9.53 -21.42 31.49
N VAL F 38 -8.25 -21.41 31.14
CA VAL F 38 -7.70 -22.36 30.17
C VAL F 38 -6.49 -23.03 30.81
N ASP F 39 -6.56 -24.36 30.90
CA ASP F 39 -5.48 -25.16 31.48
C ASP F 39 -5.05 -26.27 30.53
N LEU F 40 -3.74 -26.42 30.33
CA LEU F 40 -3.25 -27.52 29.53
C LEU F 40 -2.93 -28.70 30.46
N LEU F 41 -3.33 -29.90 30.03
CA LEU F 41 -3.25 -31.08 30.86
C LEU F 41 -2.35 -32.11 30.21
N LYS F 42 -1.48 -32.72 31.03
CA LYS F 42 -0.67 -33.87 30.63
C LYS F 42 -1.10 -35.04 31.51
N ASN F 43 -1.74 -36.04 30.89
CA ASN F 43 -2.25 -37.20 31.60
C ASN F 43 -3.19 -36.81 32.74
N GLY F 44 -4.00 -35.77 32.50
CA GLY F 44 -4.96 -35.29 33.46
C GLY F 44 -4.45 -34.25 34.44
N GLU F 45 -3.12 -34.11 34.58
CA GLU F 45 -2.55 -33.16 35.51
C GLU F 45 -2.25 -31.83 34.84
N ARG F 46 -2.41 -30.76 35.57
CA ARG F 46 -2.21 -29.41 35.02
C ARG F 46 -0.75 -29.15 34.77
N ILE F 47 -0.45 -28.64 33.61
CA ILE F 47 0.92 -28.26 33.31
C ILE F 47 1.19 -26.88 33.92
N GLU F 48 2.29 -26.78 34.66
CA GLU F 48 2.57 -25.56 35.42
C GLU F 48 3.00 -24.42 34.51
N LYS F 49 4.18 -24.54 33.90
CA LYS F 49 4.71 -23.46 33.07
C LYS F 49 3.99 -23.40 31.73
N VAL F 50 2.94 -22.57 31.66
CA VAL F 50 2.14 -22.41 30.45
C VAL F 50 2.01 -20.93 30.17
N GLU F 51 2.56 -20.48 29.04
CA GLU F 51 2.45 -19.10 28.63
C GLU F 51 1.23 -18.92 27.72
N HIS F 52 0.73 -17.68 27.67
CA HIS F 52 -0.45 -17.38 26.88
C HIS F 52 -0.23 -16.08 26.12
N SER F 53 -0.92 -15.95 25.00
CA SER F 53 -0.85 -14.74 24.18
C SER F 53 -1.63 -13.62 24.88
N ASP F 54 -1.73 -12.49 24.19
CA ASP F 54 -2.43 -11.33 24.74
C ASP F 54 -3.84 -11.25 24.18
N LEU F 55 -4.74 -10.69 24.99
CA LEU F 55 -6.16 -10.72 24.69
C LEU F 55 -6.49 -9.78 23.54
N SER F 56 -6.98 -10.35 22.43
CA SER F 56 -7.43 -9.57 21.29
C SER F 56 -8.78 -10.12 20.85
N PHE F 57 -9.47 -9.37 20.00
CA PHE F 57 -10.81 -9.73 19.56
C PHE F 57 -10.94 -9.62 18.05
N SER F 58 -12.02 -10.19 17.53
CA SER F 58 -12.29 -10.31 16.11
C SER F 58 -13.30 -9.26 15.66
N LYS F 59 -13.93 -9.53 14.45
CA LYS F 59 -14.83 -8.48 13.93
C LYS F 59 -16.08 -8.35 14.78
N ASP F 60 -16.55 -9.40 15.35
CA ASP F 60 -17.74 -9.38 16.17
C ASP F 60 -17.45 -9.14 17.65
N TRP F 61 -16.27 -8.60 17.97
CA TRP F 61 -15.86 -8.28 19.33
C TRP F 61 -15.70 -9.52 20.20
N SER F 62 -15.51 -10.68 19.60
CA SER F 62 -15.27 -11.91 20.34
C SER F 62 -13.78 -12.08 20.59
N PHE F 63 -13.42 -12.41 21.83
CA PHE F 63 -12.01 -12.49 22.19
C PHE F 63 -11.39 -13.80 21.69
N TYR F 64 -10.07 -13.77 21.54
CA TYR F 64 -9.31 -14.98 21.24
C TYR F 64 -8.00 -14.96 22.01
N LEU F 65 -7.61 -16.14 22.50
CA LEU F 65 -6.39 -16.33 23.26
C LEU F 65 -5.72 -17.61 22.79
N LEU F 66 -4.39 -17.63 22.88
CA LEU F 66 -3.58 -18.80 22.59
C LEU F 66 -2.76 -19.13 23.83
N TYR F 67 -2.97 -20.32 24.38
CA TYR F 67 -2.15 -20.84 25.47
C TYR F 67 -1.20 -21.88 24.88
N TYR F 68 0.02 -21.92 25.39
CA TYR F 68 1.01 -22.82 24.83
C TYR F 68 2.01 -23.25 25.90
N THR F 69 2.64 -24.39 25.66
CA THR F 69 3.69 -24.87 26.55
C THR F 69 4.57 -25.86 25.79
N GLU F 70 5.86 -25.88 26.14
CA GLU F 70 6.77 -26.83 25.56
C GLU F 70 6.41 -28.24 26.00
N PHE F 71 6.61 -29.21 25.10
CA PHE F 71 6.35 -30.59 25.44
C PHE F 71 7.00 -31.50 24.41
N THR F 72 7.27 -32.72 24.84
CA THR F 72 7.79 -33.75 23.94
C THR F 72 6.77 -34.87 23.85
N PRO F 73 6.04 -34.99 22.75
CA PRO F 73 5.03 -36.04 22.66
C PRO F 73 5.67 -37.41 22.55
N THR F 74 5.01 -38.39 23.15
CA THR F 74 5.42 -39.79 23.07
C THR F 74 4.21 -40.62 22.65
N GLU F 75 4.43 -41.92 22.50
CA GLU F 75 3.35 -42.80 22.08
C GLU F 75 2.31 -42.98 23.18
N LYS F 76 2.74 -42.91 24.45
CA LYS F 76 1.86 -43.21 25.57
C LYS F 76 1.29 -41.98 26.26
N ASP F 77 1.95 -40.83 26.16
CA ASP F 77 1.48 -39.64 26.85
C ASP F 77 0.20 -39.10 26.22
N GLU F 78 -0.67 -38.55 27.06
CA GLU F 78 -1.93 -37.98 26.63
C GLU F 78 -1.97 -36.52 27.05
N TYR F 79 -2.35 -35.65 26.11
CA TYR F 79 -2.42 -34.22 26.35
C TYR F 79 -3.80 -33.71 26.00
N ALA F 80 -4.24 -32.68 26.71
CA ALA F 80 -5.58 -32.16 26.54
C ALA F 80 -5.62 -30.70 26.99
N CYS F 81 -6.78 -30.08 26.84
CA CYS F 81 -7.01 -28.70 27.24
C CYS F 81 -8.36 -28.60 27.93
N ARG F 82 -8.36 -28.05 29.15
CA ARG F 82 -9.57 -27.80 29.91
C ARG F 82 -9.94 -26.32 29.79
N VAL F 83 -11.15 -26.04 29.33
CA VAL F 83 -11.63 -24.67 29.15
C VAL F 83 -12.89 -24.49 29.99
N ASN F 84 -12.92 -23.46 30.80
CA ASN F 84 -14.13 -23.11 31.56
C ASN F 84 -14.51 -21.68 31.21
N HIS F 85 -15.79 -21.46 31.04
CA HIS F 85 -16.34 -20.18 30.64
C HIS F 85 -17.78 -20.11 31.14
N VAL F 86 -18.32 -18.89 31.18
CA VAL F 86 -19.67 -18.72 31.71
C VAL F 86 -20.70 -19.43 30.84
N THR F 87 -20.41 -19.60 29.54
CA THR F 87 -21.33 -20.28 28.64
C THR F 87 -21.27 -21.80 28.75
N LEU F 88 -20.31 -22.34 29.50
CA LEU F 88 -20.13 -23.79 29.64
C LEU F 88 -20.65 -24.24 31.00
N SER F 89 -21.69 -25.07 30.99
CA SER F 89 -22.21 -25.63 32.23
C SER F 89 -21.22 -26.57 32.90
N GLN F 90 -20.29 -27.08 32.08
CA GLN F 90 -19.27 -28.03 32.56
C GLN F 90 -17.92 -27.66 31.91
N PRO F 91 -16.75 -27.57 32.62
CA PRO F 91 -15.48 -27.32 31.91
C PRO F 91 -15.24 -28.38 30.86
N LYS F 92 -15.02 -27.94 29.62
CA LYS F 92 -14.86 -28.87 28.50
C LYS F 92 -13.40 -29.26 28.34
N ILE F 93 -13.15 -30.55 28.21
CA ILE F 93 -11.84 -31.09 27.95
C ILE F 93 -11.77 -31.51 26.49
N VAL F 94 -10.77 -30.99 25.77
CA VAL F 94 -10.51 -31.35 24.39
C VAL F 94 -9.18 -32.09 24.35
N LYS F 95 -9.22 -33.36 23.97
CA LYS F 95 -8.01 -34.15 23.86
C LYS F 95 -7.19 -33.72 22.65
N TRP F 96 -5.88 -33.89 22.73
CA TRP F 96 -4.98 -33.58 21.64
C TRP F 96 -4.91 -34.78 20.70
N ASP F 97 -5.24 -34.55 19.43
CA ASP F 97 -5.12 -35.55 18.38
C ASP F 97 -4.01 -35.12 17.43
N ARG F 98 -3.11 -36.05 17.11
CA ARG F 98 -1.94 -35.70 16.30
C ARG F 98 -2.32 -35.21 14.91
N ASP F 99 -3.49 -35.57 14.41
CA ASP F 99 -3.92 -35.18 13.07
C ASP F 99 -5.08 -34.19 13.11
N MET F 100 -5.11 -33.33 14.12
CA MET F 100 -6.13 -32.28 14.21
C MET F 100 -5.53 -30.98 14.74
C1 PGE G . 14.96 25.92 -3.64
O1 PGE G . 16.25 25.40 -3.79
C2 PGE G . 13.93 24.89 -4.09
O2 PGE G . 14.22 24.48 -5.40
C3 PGE G . 13.86 25.41 -6.39
C4 PGE G . 12.47 25.09 -6.94
O4 PGE G . 10.38 28.59 -5.69
C6 PGE G . 10.13 27.92 -6.89
C5 PGE G . 11.37 27.14 -7.31
O3 PGE G . 11.55 26.03 -6.47
C1 PEG H . 4.71 -7.58 -27.01
O1 PEG H . 3.32 -7.60 -26.89
C2 PEG H . 5.16 -6.35 -27.79
O2 PEG H . 4.69 -6.42 -29.11
C3 PEG H . 5.06 -5.33 -29.91
C4 PEG H . 4.15 -5.26 -31.14
O4 PEG H . 4.36 -6.39 -31.94
OH2 1PE I . 11.82 11.33 -33.48
C12 1PE I . 11.03 10.77 -32.47
C22 1PE I . 11.37 11.40 -31.12
OH3 1PE I . 10.60 12.55 -30.91
C13 1PE I . 10.51 14.83 -30.24
C23 1PE I . 11.20 13.49 -30.08
OH4 1PE I . 10.96 15.70 -29.25
C14 1PE I . 12.90 16.78 -30.12
C24 1PE I . 11.43 16.92 -29.76
OH5 1PE I . 13.29 17.81 -30.98
C15 1PE I . 15.52 18.36 -30.33
C25 1PE I . 14.62 17.74 -31.40
OH6 1PE I . 16.85 17.94 -30.53
C16 1PE I . 17.78 19.20 -28.71
C26 1PE I . 17.59 17.82 -29.34
OH7 1PE I . 17.61 19.10 -27.33
C1 PEG J . 8.26 10.48 -12.15
O1 PEG J . 9.24 9.50 -11.93
C2 PEG J . 8.81 11.59 -13.04
O2 PEG J . 8.19 12.81 -12.71
C3 PEG J . 7.01 13.06 -13.42
C4 PEG J . 6.01 13.81 -12.55
O4 PEG J . 5.11 12.92 -11.94
C1 PEG K . 29.42 18.00 -4.94
O1 PEG K . 30.26 16.89 -5.18
C2 PEG K . 28.16 17.94 -5.73
O2 PEG K . 27.38 19.10 -5.49
C3 PEG K . 26.36 18.88 -4.51
C4 PEG K . 26.19 20.11 -3.66
O4 PEG K . 25.69 21.20 -4.40
C1 PEG L . 7.66 -2.79 -1.35
O1 PEG L . 7.20 -3.79 -2.22
C2 PEG L . 6.55 -1.79 -1.04
O2 PEG L . 6.35 -0.91 -2.12
C3 PEG L . 6.13 0.41 -1.71
C4 PEG L . 5.92 1.31 -2.93
O4 PEG L . 5.90 2.66 -2.51
C1 PEG M . -9.42 16.22 -30.61
O1 PEG M . -10.60 16.08 -31.35
C2 PEG M . -8.99 14.87 -30.02
O2 PEG M . -7.81 15.03 -29.31
C3 PEG M . -7.95 15.76 -28.13
C4 PEG M . -6.63 16.43 -27.76
O4 PEG M . -6.85 17.45 -26.83
C1 PGE N . 7.02 1.91 -17.09
O1 PGE N . 6.70 0.57 -16.81
C2 PGE N . 6.90 2.73 -15.82
O2 PGE N . 6.99 4.10 -16.10
C3 PGE N . 7.53 4.87 -15.08
C4 PGE N . 6.66 4.79 -13.83
O4 PGE N . 7.66 1.52 -11.54
C6 PGE N . 7.63 2.79 -10.93
C5 PGE N . 6.72 3.71 -11.73
O3 PGE N . 7.44 4.34 -12.75
C1 PGE O . 24.41 -9.68 -17.67
O1 PGE O . 24.86 -10.69 -18.52
C2 PGE O . 24.97 -8.35 -18.03
O2 PGE O . 24.24 -7.33 -17.36
C3 PGE O . 22.84 -7.49 -17.53
C4 PGE O . 22.16 -6.20 -17.21
O4 PGE O . 19.53 -5.23 -20.39
C6 PGE O . 19.31 -6.00 -19.24
C5 PGE O . 20.11 -5.50 -18.11
O3 PGE O . 21.47 -5.75 -18.36
C1 PGE P . 8.78 -19.99 11.41
O1 PGE P . 9.75 -20.47 10.53
C2 PGE P . 9.18 -18.61 11.93
O2 PGE P . 9.48 -17.76 10.87
C3 PGE P . 8.81 -16.53 10.89
C4 PGE P . 9.53 -15.56 11.82
O4 PGE P . 13.52 -14.23 9.65
C6 PGE P . 12.14 -14.03 9.75
C5 PGE P . 11.56 -14.92 10.83
O3 PGE P . 10.21 -14.60 11.05
C1 PEG Q . -10.59 -3.65 10.52
O1 PEG Q . -10.62 -4.93 9.93
C2 PEG Q . -11.70 -2.77 9.93
O2 PEG Q . -12.94 -3.36 10.17
C3 PEG Q . -13.80 -2.58 10.96
C4 PEG Q . -14.91 -3.47 11.52
O4 PEG Q . -14.36 -4.62 12.10
C1 PEG R . -24.67 -2.35 25.61
O1 PEG R . -25.52 -2.53 26.71
C2 PEG R . -25.42 -1.86 24.41
O2 PEG R . -24.50 -1.33 23.46
C3 PEG R . -25.01 -1.32 22.12
C4 PEG R . -26.52 -1.35 22.11
O4 PEG R . -27.04 -1.42 20.78
C1 PGE S . -11.54 9.52 20.85
O1 PGE S . -12.14 8.58 21.69
C2 PGE S . -10.08 9.27 20.66
O2 PGE S . -9.39 10.49 20.41
C3 PGE S . -10.19 11.64 20.65
C4 PGE S . -9.50 12.88 20.21
O4 PGE S . -10.95 16.58 20.76
C6 PGE S . -10.25 15.39 20.46
C5 PGE S . -9.76 14.72 21.69
O3 PGE S . -8.98 13.57 21.34
C1 PEG T . -8.19 7.71 0.16
O1 PEG T . -8.03 7.50 -1.22
C2 PEG T . -9.25 6.83 0.75
O2 PEG T . -9.48 7.20 2.10
C3 PEG T . -10.80 7.66 2.33
C4 PEG T . -10.83 8.56 3.53
O4 PEG T . -11.76 9.60 3.41
OH2 1PE U . -9.18 -10.63 35.67
C12 1PE U . -10.51 -10.54 35.25
C22 1PE U . -10.59 -9.76 33.94
OH3 1PE U . -10.80 -10.62 32.86
C13 1PE U . -9.71 -12.19 31.44
C23 1PE U . -9.69 -10.79 32.04
OH4 1PE U . -8.59 -12.35 30.61
C14 1PE U . -6.57 -13.50 30.09
C24 1PE U . -7.89 -13.55 30.83
OH5 1PE U . -5.61 -14.21 30.82
C15 1PE U . -4.05 -14.24 32.64
C25 1PE U . -5.34 -13.65 32.08
OH6 1PE U . -3.10 -13.21 32.73
C16 1PE U . -1.69 -11.74 33.99
C26 1PE U . -2.73 -12.86 34.03
OH7 1PE U . -1.21 -11.57 32.68
C1 PEG V . -16.14 -26.06 22.54
O1 PEG V . -15.49 -26.50 21.39
C2 PEG V . -17.63 -26.40 22.45
O2 PEG V . -18.27 -25.99 23.64
C3 PEG V . -19.55 -26.54 23.79
C4 PEG V . -19.48 -28.07 23.79
O4 PEG V . -20.66 -28.60 24.33
C1 PEG W . -10.97 -6.52 13.97
O1 PEG W . -10.34 -5.60 13.13
C2 PEG W . -12.32 -5.95 14.41
O2 PEG W . -12.19 -5.31 15.65
C3 PEG W . -13.42 -5.01 16.27
C4 PEG W . -14.24 -4.07 15.40
O4 PEG W . -15.36 -4.76 14.91
C1 PGE X . -12.22 -16.38 36.43
O1 PGE X . -12.61 -16.32 37.78
C2 PGE X . -12.53 -17.75 35.86
O2 PGE X . -13.71 -17.71 35.10
C3 PGE X . -13.72 -18.58 34.01
C4 PGE X . -14.92 -19.50 34.11
O4 PGE X . -18.96 -20.17 34.82
C6 PGE X . -17.60 -20.46 34.99
C5 PGE X . -16.85 -19.19 35.39
O3 PGE X . -16.09 -18.75 34.31
#